data_9KVT
#
_entry.id   9KVT
#
_cell.length_a   1.00
_cell.length_b   1.00
_cell.length_c   1.00
_cell.angle_alpha   90.00
_cell.angle_beta   90.00
_cell.angle_gamma   90.00
#
_symmetry.space_group_name_H-M   'P 1'
#
loop_
_entity.id
_entity.type
_entity.pdbx_description
1 polymer 'The light chain of 3E2'
2 polymer 'The heavy chain of 3E2'
3 polymer 'The light chain of 8H12'
4 polymer 'The heavy chain of 8H12'
5 polymer 'Spike protein S1'
6 polymer 'The light chain of 1C4'
7 polymer 'The heavy chain of 1C4'
8 branched beta-D-mannopyranose-(1-4)-2-acetamido-2-deoxy-beta-D-glucopyranose-(1-4)-2-acetamido-2-deoxy-beta-D-glucopyranose
#
loop_
_entity_poly.entity_id
_entity_poly.type
_entity_poly.pdbx_seq_one_letter_code
_entity_poly.pdbx_strand_id
1 'polypeptide(L)'
;QIVLTQSPAIMSASLGEEITLTCSVSSSVSDMHWYQQKSGTSPKVFIYSTSNLASGVPSRFSGSGSGTFYSLTISSVEAE
DAAYYYCHQWSSWTFGGGTKLEIK
;
L
2 'polypeptide(L)'
;EVMLVESGGGVVKPGGSLKLSCAASGFSFSTYAMSWIRQTPEKSLEWVAAISSGGTNTYYPGSVKGRFTISRDKAMNTLY
LQLSSLRSEDTAMYYCVRHSGNYVDSVMDYWGQGTSVTVSS
;
H
3 'polypeptide(L)'
;DIVMTQFQKFMSTSVGDRVSITCKASQNVRTAVAWYQQKPGQSPKAMIYLASNRHRGVPDRFTGSGCGTDFTLTISNVQC
EDLADYFCLQHRNYPLTFGGGTKLEIK
;
B
4 'polypeptide(L)'
;EVKLEESGGGLVQPGGSMKLSCAASGFTFSDAWMDWVRQSPEKGLEWVAQIRRKANNHATYYAESVKGRFTISRDDSKSS
VYLQMNSLRAEDTGIYYCIRGMTYAMDFWGQGTSVTVSS
;
A
5 'polypeptide(L)'
;TNLCPFDEVFNATRFASVYAWNRKRISNCVADYSVLYNLAPFFAFKCYGVSPTKLNDLCFTNVYADSFVIRGNEVSQIAP
GQTGNIADYNYKLPDDFTGCVIAWNSNKLDSKVGGNYNYLYRLFRKSNLKPFERDISTEIYQAGNKPCNGVAGFNCYFPL
RSYGFRPTYGVGHQPYRVVVLSFELLHAPATVCG
;
G
6 'polypeptide(L)'
;DIVLTQSPATLSVTPGDNVSLSCRASQIISNNLHWYQQKSHESPRLLIKYASQSISGIPSRFSGSGSGTDFTLSINSVET
EDFGMYFCQQSNTWPLTCGSGTKLELN
;
D
7 'polypeptide(L)'
;QIQLVQSGPELKKPGETVKISCKASGYTFTDYGLNWVKQAPGKGLKWMGWINTYSGEPTYNDEFRGRFAFSLETSTITAY
LKINNLKNEDTATYFCARGGNWDWYFDVWGAGTTVTVSS
;
C
#
# COMPACT_ATOMS: atom_id res chain seq x y z
N GLN A 1 -2.91 3.42 5.35
CA GLN A 1 -4.09 3.33 6.20
C GLN A 1 -5.12 4.34 5.74
N ILE A 2 -6.32 3.87 5.42
CA ILE A 2 -7.35 4.70 4.80
C ILE A 2 -8.44 4.98 5.83
N VAL A 3 -8.81 6.25 5.99
CA VAL A 3 -10.00 6.64 6.73
C VAL A 3 -11.11 6.91 5.74
N LEU A 4 -12.34 6.73 6.18
CA LEU A 4 -13.53 7.04 5.39
C LEU A 4 -14.37 8.03 6.17
N THR A 5 -14.60 9.21 5.58
CA THR A 5 -15.37 10.25 6.24
C THR A 5 -16.73 10.39 5.56
N GLN A 6 -17.77 10.27 6.36
CA GLN A 6 -19.13 10.58 5.93
C GLN A 6 -19.62 11.79 6.70
N SER A 7 -19.89 12.87 5.98
CA SER A 7 -20.13 14.18 6.58
C SER A 7 -21.44 14.76 6.05
N PRO A 8 -22.33 15.25 6.91
CA PRO A 8 -22.25 15.19 8.38
C PRO A 8 -22.86 13.91 8.93
N ALA A 9 -23.00 13.83 10.26
CA ALA A 9 -23.49 12.61 10.88
C ALA A 9 -25.00 12.44 10.74
N ILE A 10 -25.76 13.51 10.92
CA ILE A 10 -27.22 13.45 10.81
C ILE A 10 -27.68 14.52 9.84
N MET A 11 -28.32 14.11 8.76
CA MET A 11 -28.81 14.98 7.70
C MET A 11 -30.31 14.80 7.55
N SER A 12 -31.06 15.88 7.77
CA SER A 12 -32.51 15.81 7.85
C SER A 12 -33.14 16.50 6.66
N ALA A 13 -34.11 15.83 6.03
CA ALA A 13 -34.85 16.38 4.90
C ALA A 13 -36.26 15.79 4.87
N SER A 14 -37.22 16.61 4.45
CA SER A 14 -38.61 16.21 4.37
C SER A 14 -38.95 15.75 2.97
N LEU A 15 -40.24 15.45 2.77
CA LEU A 15 -40.74 15.11 1.44
C LEU A 15 -40.72 16.34 0.55
N GLY A 16 -39.75 16.42 -0.35
CA GLY A 16 -39.68 17.54 -1.26
C GLY A 16 -38.30 18.13 -1.42
N GLU A 17 -37.32 17.57 -0.71
CA GLU A 17 -35.94 17.98 -0.84
C GLU A 17 -35.18 17.01 -1.74
N GLU A 18 -34.28 17.57 -2.55
CA GLU A 18 -33.24 16.77 -3.20
C GLU A 18 -31.99 16.91 -2.35
N ILE A 19 -31.18 15.86 -2.30
CA ILE A 19 -30.07 15.83 -1.36
C ILE A 19 -28.94 14.97 -1.91
N THR A 20 -27.73 15.25 -1.43
CA THR A 20 -26.52 14.52 -1.82
C THR A 20 -25.83 14.04 -0.56
N LEU A 21 -25.40 12.78 -0.57
CA LEU A 21 -24.73 12.18 0.58
C LEU A 21 -23.27 11.93 0.22
N THR A 22 -22.37 12.59 0.94
CA THR A 22 -20.95 12.61 0.62
C THR A 22 -20.19 11.49 1.32
N CYS A 23 -19.11 11.04 0.69
CA CYS A 23 -18.19 10.05 1.25
C CYS A 23 -16.84 10.30 0.61
N SER A 24 -15.93 10.93 1.36
CA SER A 24 -14.59 11.22 0.85
C SER A 24 -13.58 10.26 1.47
N VAL A 25 -12.40 10.20 0.88
CA VAL A 25 -11.37 9.27 1.30
C VAL A 25 -10.08 10.03 1.57
N SER A 26 -9.10 9.32 2.12
CA SER A 26 -7.78 9.89 2.35
C SER A 26 -6.94 9.84 1.07
N SER A 27 -6.68 8.64 0.57
CA SER A 27 -6.02 8.47 -0.71
C SER A 27 -7.02 7.95 -1.74
N SER A 28 -6.69 8.16 -3.01
CA SER A 28 -7.65 8.01 -4.10
C SER A 28 -7.94 6.53 -4.36
N VAL A 29 -9.15 6.10 -4.02
CA VAL A 29 -9.64 4.78 -4.38
C VAL A 29 -10.49 4.92 -5.64
N SER A 30 -10.58 3.83 -6.39
CA SER A 30 -11.25 3.90 -7.69
C SER A 30 -12.77 3.85 -7.53
N ASP A 31 -13.29 2.78 -6.97
CA ASP A 31 -14.73 2.59 -6.83
C ASP A 31 -15.14 2.86 -5.38
N MET A 32 -16.46 2.83 -5.14
CA MET A 32 -17.05 3.03 -3.82
C MET A 32 -18.50 2.55 -3.83
N HIS A 33 -18.85 1.61 -2.96
CA HIS A 33 -20.23 1.15 -2.91
C HIS A 33 -21.04 1.95 -1.89
N TRP A 34 -22.31 1.59 -1.74
CA TRP A 34 -23.22 2.28 -0.84
C TRP A 34 -24.25 1.29 -0.31
N TYR A 35 -24.36 1.20 1.02
CA TYR A 35 -25.29 0.28 1.65
C TYR A 35 -26.31 1.07 2.46
N GLN A 36 -27.48 0.46 2.65
CA GLN A 36 -28.60 1.09 3.37
C GLN A 36 -29.11 0.14 4.43
N GLN A 37 -29.12 0.60 5.68
CA GLN A 37 -29.55 -0.21 6.81
C GLN A 37 -30.80 0.41 7.44
N LYS A 38 -31.94 -0.22 7.22
CA LYS A 38 -33.12 0.12 7.99
C LYS A 38 -32.96 -0.38 9.43
N SER A 39 -33.71 0.21 10.35
CA SER A 39 -33.58 -0.11 11.76
C SER A 39 -34.22 -1.46 12.05
N GLY A 40 -33.41 -2.42 12.47
CA GLY A 40 -33.90 -3.72 12.88
C GLY A 40 -33.47 -4.88 12.02
N THR A 41 -33.11 -4.65 10.77
CA THR A 41 -32.70 -5.72 9.86
C THR A 41 -31.26 -5.48 9.42
N SER A 42 -30.83 -6.27 8.50
CA SER A 42 -29.51 -6.20 7.91
C SER A 42 -29.44 -5.11 6.86
N PRO A 43 -28.27 -4.51 6.64
CA PRO A 43 -28.12 -3.59 5.51
C PRO A 43 -28.14 -4.34 4.19
N LYS A 44 -28.67 -3.69 3.16
CA LYS A 44 -28.72 -4.23 1.81
C LYS A 44 -27.83 -3.37 0.90
N VAL A 45 -27.68 -3.82 -0.34
CA VAL A 45 -26.83 -3.13 -1.31
C VAL A 45 -27.69 -2.23 -2.19
N PHE A 46 -27.23 -0.99 -2.39
CA PHE A 46 -27.85 -0.09 -3.34
C PHE A 46 -27.03 0.10 -4.60
N ILE A 47 -25.79 0.55 -4.47
CA ILE A 47 -24.97 0.97 -5.62
C ILE A 47 -23.67 0.19 -5.59
N TYR A 48 -23.33 -0.43 -6.71
CA TYR A 48 -21.96 -0.89 -6.95
C TYR A 48 -21.33 -0.04 -8.04
N SER A 49 -20.01 0.13 -7.94
CA SER A 49 -19.19 0.87 -8.90
C SER A 49 -19.67 2.31 -9.09
N THR A 50 -20.14 2.92 -8.01
CA THR A 50 -20.47 4.35 -7.86
C THR A 50 -21.58 4.88 -8.75
N SER A 51 -22.19 4.07 -9.61
CA SER A 51 -23.21 4.63 -10.49
C SER A 51 -24.43 3.76 -10.71
N ASN A 52 -24.41 2.48 -10.39
CA ASN A 52 -25.51 1.61 -10.75
C ASN A 52 -26.55 1.55 -9.63
N LEU A 53 -27.52 0.66 -9.80
CA LEU A 53 -28.55 0.40 -8.80
C LEU A 53 -28.82 -1.08 -8.74
N ALA A 54 -29.00 -1.60 -7.53
CA ALA A 54 -29.39 -3.00 -7.39
C ALA A 54 -30.84 -3.16 -7.80
N SER A 55 -31.21 -4.40 -8.13
CA SER A 55 -32.58 -4.66 -8.58
C SER A 55 -33.51 -4.66 -7.39
N GLY A 56 -34.58 -3.87 -7.47
CA GLY A 56 -35.53 -3.73 -6.39
C GLY A 56 -35.49 -2.41 -5.65
N VAL A 57 -34.73 -1.43 -6.13
CA VAL A 57 -34.67 -0.14 -5.46
C VAL A 57 -35.41 0.87 -6.33
N PRO A 58 -35.90 1.98 -5.79
CA PRO A 58 -36.49 3.02 -6.63
C PRO A 58 -35.41 3.75 -7.42
N SER A 59 -35.83 4.33 -8.54
CA SER A 59 -34.90 5.07 -9.39
C SER A 59 -34.85 6.54 -9.04
N ARG A 60 -34.68 6.83 -7.75
CA ARG A 60 -34.37 8.15 -7.25
C ARG A 60 -32.94 8.25 -6.73
N PHE A 61 -32.30 7.14 -6.44
CA PHE A 61 -30.94 7.10 -5.93
C PHE A 61 -29.97 7.03 -7.11
N SER A 62 -28.92 7.83 -7.05
CA SER A 62 -27.87 7.77 -8.07
C SER A 62 -26.59 8.31 -7.47
N GLY A 63 -25.47 7.70 -7.83
CA GLY A 63 -24.16 8.12 -7.38
C GLY A 63 -23.38 8.77 -8.51
N SER A 64 -22.39 9.57 -8.12
CA SER A 64 -21.55 10.25 -9.10
C SER A 64 -20.16 10.41 -8.52
N GLY A 65 -19.24 10.82 -9.37
CA GLY A 65 -17.90 11.18 -8.96
C GLY A 65 -16.95 9.98 -8.96
N SER A 66 -15.68 10.31 -9.11
CA SER A 66 -14.61 9.33 -9.01
C SER A 66 -13.38 10.03 -8.43
N GLY A 67 -12.44 9.23 -7.95
CA GLY A 67 -11.27 9.79 -7.30
C GLY A 67 -11.41 9.84 -5.80
N THR A 68 -11.52 11.05 -5.24
CA THR A 68 -11.55 11.23 -3.80
C THR A 68 -12.86 11.83 -3.31
N PHE A 69 -13.94 11.71 -4.09
CA PHE A 69 -15.23 12.23 -3.68
C PHE A 69 -16.33 11.41 -4.33
N TYR A 70 -17.34 11.04 -3.53
CA TYR A 70 -18.47 10.27 -4.03
C TYR A 70 -19.75 10.78 -3.39
N SER A 71 -20.74 11.09 -4.21
CA SER A 71 -21.97 11.72 -3.74
C SER A 71 -23.17 10.89 -4.18
N LEU A 72 -24.05 10.56 -3.24
CA LEU A 72 -25.25 9.78 -3.51
C LEU A 72 -26.44 10.74 -3.59
N THR A 73 -27.03 10.85 -4.76
CA THR A 73 -28.05 11.85 -5.05
C THR A 73 -29.44 11.24 -4.83
N ILE A 74 -30.23 11.87 -3.98
CA ILE A 74 -31.63 11.51 -3.77
C ILE A 74 -32.49 12.55 -4.45
N SER A 75 -33.42 12.10 -5.29
CA SER A 75 -34.28 13.04 -6.02
C SER A 75 -35.31 13.68 -5.10
N SER A 76 -36.13 12.88 -4.44
CA SER A 76 -37.16 13.38 -3.52
C SER A 76 -37.44 12.28 -2.51
N VAL A 77 -36.92 12.47 -1.28
CA VAL A 77 -36.96 11.41 -0.27
C VAL A 77 -38.37 11.22 0.26
N GLU A 78 -38.82 9.97 0.30
CA GLU A 78 -40.12 9.57 0.80
C GLU A 78 -39.93 9.13 2.26
N ALA A 79 -41.02 8.77 2.93
CA ALA A 79 -40.92 8.26 4.29
C ALA A 79 -40.32 6.86 4.37
N GLU A 80 -40.23 6.14 3.24
CA GLU A 80 -39.62 4.82 3.22
C GLU A 80 -38.12 4.89 3.39
N ASP A 81 -37.47 5.91 2.83
CA ASP A 81 -36.01 6.03 2.87
C ASP A 81 -35.61 6.97 4.00
N ALA A 82 -35.79 6.48 5.24
CA ALA A 82 -35.34 7.19 6.43
C ALA A 82 -34.55 6.16 7.25
N ALA A 83 -33.26 6.03 6.93
CA ALA A 83 -32.44 4.96 7.47
C ALA A 83 -30.99 5.38 7.44
N TYR A 84 -30.11 4.49 7.89
CA TYR A 84 -28.67 4.74 7.91
C TYR A 84 -28.06 4.32 6.58
N TYR A 85 -27.10 5.10 6.10
CA TYR A 85 -26.49 4.88 4.80
C TYR A 85 -24.98 4.80 4.94
N TYR A 86 -24.40 3.66 4.56
CA TYR A 86 -22.97 3.39 4.74
C TYR A 86 -22.30 3.28 3.37
N CYS A 87 -21.19 3.98 3.21
CA CYS A 87 -20.31 3.82 2.06
C CYS A 87 -19.17 2.90 2.47
N HIS A 88 -18.73 2.04 1.56
CA HIS A 88 -17.61 1.17 1.83
C HIS A 88 -16.94 0.76 0.53
N GLN A 89 -15.63 0.98 0.46
CA GLN A 89 -14.82 0.47 -0.63
C GLN A 89 -14.03 -0.72 -0.12
N TRP A 90 -13.70 -1.64 -1.01
CA TRP A 90 -12.90 -2.85 -0.82
C TRP A 90 -11.62 -2.69 0.01
N SER A 91 -11.02 -1.50 0.02
CA SER A 91 -9.68 -1.34 0.55
C SER A 91 -9.64 -0.55 1.85
N SER A 92 -10.53 -0.88 2.79
CA SER A 92 -10.63 -0.05 3.98
C SER A 92 -10.32 -0.75 5.29
N TRP A 93 -10.87 -1.96 5.46
CA TRP A 93 -11.07 -2.74 6.70
C TRP A 93 -12.10 -2.10 7.62
N THR A 94 -12.71 -0.99 7.22
CA THR A 94 -13.64 -0.26 8.05
C THR A 94 -14.78 0.17 7.16
N PHE A 95 -15.87 0.64 7.75
CA PHE A 95 -16.93 1.25 6.97
C PHE A 95 -16.96 2.74 7.26
N GLY A 96 -17.87 3.44 6.60
CA GLY A 96 -18.13 4.82 6.95
C GLY A 96 -18.82 4.91 8.30
N GLY A 97 -18.80 6.13 8.84
CA GLY A 97 -19.44 6.35 10.13
C GLY A 97 -20.95 6.21 10.06
N GLY A 98 -21.55 6.63 8.96
CA GLY A 98 -22.98 6.49 8.80
C GLY A 98 -23.73 7.80 8.86
N THR A 99 -24.49 8.09 7.81
CA THR A 99 -25.31 9.29 7.79
C THR A 99 -26.78 8.89 7.93
N LYS A 100 -27.45 9.46 8.92
CA LYS A 100 -28.86 9.19 9.14
C LYS A 100 -29.70 10.18 8.34
N LEU A 101 -30.94 9.79 8.06
CA LEU A 101 -31.84 10.58 7.23
C LEU A 101 -33.17 10.68 7.98
N GLU A 102 -33.51 11.90 8.40
CA GLU A 102 -34.69 12.14 9.21
C GLU A 102 -35.66 13.06 8.48
N ILE A 103 -36.94 12.72 8.57
CA ILE A 103 -38.00 13.55 8.01
C ILE A 103 -38.12 14.81 8.84
N LYS A 104 -38.69 15.86 8.24
CA LYS A 104 -38.80 17.15 8.91
C LYS A 104 -40.25 17.48 9.22
N GLU B 1 -33.92 -18.60 -5.61
CA GLU B 1 -34.06 -18.08 -4.25
C GLU B 1 -32.76 -18.18 -3.47
N VAL B 2 -32.39 -17.09 -2.81
CA VAL B 2 -31.14 -17.02 -2.05
C VAL B 2 -31.48 -16.62 -0.62
N MET B 3 -31.13 -17.47 0.33
CA MET B 3 -31.27 -17.18 1.75
C MET B 3 -30.05 -17.70 2.50
N LEU B 4 -29.69 -17.01 3.57
CA LEU B 4 -28.54 -17.36 4.39
C LEU B 4 -29.00 -17.60 5.82
N VAL B 5 -29.04 -18.86 6.22
CA VAL B 5 -29.43 -19.26 7.57
C VAL B 5 -28.17 -19.36 8.42
N GLU B 6 -28.20 -18.76 9.60
CA GLU B 6 -27.05 -18.72 10.48
C GLU B 6 -27.45 -19.01 11.91
N SER B 7 -26.53 -19.61 12.66
CA SER B 7 -26.79 -20.00 14.04
C SER B 7 -25.46 -20.17 14.77
N GLY B 8 -25.54 -20.37 16.08
CA GLY B 8 -24.38 -20.66 16.89
C GLY B 8 -24.05 -19.61 17.94
N GLY B 9 -24.83 -18.54 18.06
CA GLY B 9 -24.48 -17.48 18.98
C GLY B 9 -24.85 -17.77 20.42
N GLY B 10 -24.43 -16.85 21.29
CA GLY B 10 -24.74 -16.92 22.70
C GLY B 10 -23.91 -15.95 23.51
N VAL B 11 -23.62 -16.31 24.77
CA VAL B 11 -22.68 -15.56 25.60
C VAL B 11 -21.54 -16.49 25.99
N VAL B 12 -20.34 -15.94 26.03
CA VAL B 12 -19.11 -16.71 26.24
C VAL B 12 -18.20 -15.91 27.18
N LYS B 13 -17.65 -16.58 28.18
CA LYS B 13 -16.67 -15.99 29.09
C LYS B 13 -15.44 -15.52 28.32
N PRO B 14 -14.91 -14.33 28.64
CA PRO B 14 -13.74 -13.81 27.93
C PRO B 14 -12.51 -14.67 28.14
N GLY B 15 -12.09 -15.32 27.06
CA GLY B 15 -11.04 -16.31 27.09
C GLY B 15 -11.43 -17.67 26.55
N GLY B 16 -12.69 -17.84 26.15
CA GLY B 16 -13.14 -19.08 25.57
C GLY B 16 -13.41 -18.99 24.08
N SER B 17 -13.79 -20.11 23.49
CA SER B 17 -14.03 -20.22 22.06
C SER B 17 -15.48 -20.60 21.81
N LEU B 18 -15.93 -20.31 20.59
CA LEU B 18 -17.26 -20.66 20.14
C LEU B 18 -17.28 -20.66 18.61
N LYS B 19 -18.42 -21.05 18.05
CA LYS B 19 -18.52 -21.32 16.61
C LYS B 19 -19.75 -20.59 16.07
N LEU B 20 -19.52 -19.57 15.25
CA LEU B 20 -20.60 -18.90 14.56
C LEU B 20 -20.73 -19.44 13.15
N SER B 21 -21.86 -20.10 12.89
CA SER B 21 -22.04 -20.84 11.64
C SER B 21 -22.99 -20.09 10.72
N CYS B 22 -22.95 -20.46 9.44
CA CYS B 22 -23.77 -19.84 8.41
C CYS B 22 -24.00 -20.86 7.32
N ALA B 23 -25.26 -21.15 7.03
CA ALA B 23 -25.63 -22.12 6.00
C ALA B 23 -26.19 -21.40 4.79
N ALA B 24 -25.69 -21.74 3.61
CA ALA B 24 -26.14 -21.13 2.37
C ALA B 24 -26.93 -22.13 1.53
N SER B 25 -27.89 -21.62 0.77
CA SER B 25 -28.74 -22.47 -0.04
C SER B 25 -29.29 -21.67 -1.20
N GLY B 26 -29.13 -22.18 -2.42
CA GLY B 26 -29.73 -21.57 -3.59
C GLY B 26 -28.78 -21.25 -4.73
N PHE B 27 -27.47 -21.28 -4.53
CA PHE B 27 -26.52 -20.91 -5.58
C PHE B 27 -25.36 -21.88 -5.58
N SER B 28 -24.52 -21.76 -6.61
CA SER B 28 -23.28 -22.50 -6.65
C SER B 28 -22.32 -21.90 -5.63
N PHE B 29 -22.22 -22.56 -4.47
CA PHE B 29 -21.52 -21.99 -3.32
C PHE B 29 -20.01 -21.94 -3.53
N SER B 30 -19.46 -22.81 -4.37
CA SER B 30 -18.03 -22.91 -4.56
C SER B 30 -17.51 -22.00 -5.68
N THR B 31 -18.26 -20.95 -6.04
CA THR B 31 -17.81 -20.01 -7.06
C THR B 31 -18.12 -18.58 -6.59
N TYR B 32 -18.51 -18.42 -5.34
CA TYR B 32 -18.81 -17.10 -4.80
C TYR B 32 -18.13 -16.95 -3.45
N ALA B 33 -17.34 -15.89 -3.32
CA ALA B 33 -16.60 -15.64 -2.08
C ALA B 33 -17.54 -15.22 -0.96
N MET B 34 -17.06 -15.35 0.27
CA MET B 34 -17.85 -15.01 1.44
C MET B 34 -17.02 -14.15 2.37
N SER B 35 -17.71 -13.44 3.27
CA SER B 35 -17.03 -12.61 4.25
C SER B 35 -17.90 -12.53 5.50
N TRP B 36 -17.26 -12.14 6.61
CA TRP B 36 -17.96 -11.91 7.86
C TRP B 36 -17.81 -10.45 8.26
N ILE B 37 -18.92 -9.83 8.63
CA ILE B 37 -18.97 -8.41 8.95
C ILE B 37 -19.63 -8.27 10.32
N ARG B 38 -18.93 -7.62 11.25
CA ARG B 38 -19.47 -7.42 12.59
C ARG B 38 -19.94 -5.98 12.78
N GLN B 39 -20.78 -5.77 13.78
CA GLN B 39 -21.39 -4.46 14.03
C GLN B 39 -21.43 -4.20 15.52
N THR B 40 -20.65 -3.20 15.95
CA THR B 40 -20.57 -2.76 17.34
C THR B 40 -21.93 -2.22 17.82
N PRO B 41 -22.13 -2.12 19.17
CA PRO B 41 -23.34 -1.47 19.68
C PRO B 41 -23.49 0.02 19.34
N GLU B 42 -22.42 0.66 18.87
CA GLU B 42 -22.52 1.99 18.28
C GLU B 42 -22.96 1.96 16.82
N LYS B 43 -23.21 0.76 16.27
CA LYS B 43 -23.65 0.53 14.89
C LYS B 43 -22.65 1.10 13.88
N SER B 44 -21.44 0.53 13.92
CA SER B 44 -20.34 0.92 13.03
C SER B 44 -19.74 -0.34 12.44
N LEU B 45 -20.05 -0.63 11.18
CA LEU B 45 -19.66 -1.87 10.54
C LEU B 45 -18.15 -1.92 10.30
N GLU B 46 -17.63 -3.15 10.21
CA GLU B 46 -16.24 -3.43 9.94
C GLU B 46 -16.09 -4.89 9.54
N TRP B 47 -15.00 -5.20 8.83
CA TRP B 47 -14.68 -6.57 8.52
C TRP B 47 -13.99 -7.26 9.69
N VAL B 48 -14.14 -8.57 9.76
CA VAL B 48 -13.36 -9.39 10.67
C VAL B 48 -12.70 -10.52 9.89
N ALA B 49 -13.26 -10.87 8.73
CA ALA B 49 -12.72 -11.96 7.94
C ALA B 49 -13.18 -11.83 6.49
N ALA B 50 -12.49 -12.51 5.60
CA ALA B 50 -12.81 -12.55 4.17
C ALA B 50 -12.06 -13.72 3.55
N ILE B 51 -12.76 -14.55 2.80
CA ILE B 51 -12.18 -15.73 2.20
C ILE B 51 -12.47 -15.70 0.69
N SER B 52 -11.54 -16.24 -0.10
CA SER B 52 -11.64 -16.21 -1.55
C SER B 52 -12.62 -17.29 -2.02
N SER B 53 -12.62 -17.56 -3.33
CA SER B 53 -13.60 -18.49 -3.91
C SER B 53 -13.32 -19.93 -3.51
N GLY B 54 -12.14 -20.44 -3.84
CA GLY B 54 -11.86 -21.84 -3.61
C GLY B 54 -11.42 -22.17 -2.21
N GLY B 55 -11.29 -21.18 -1.34
CA GLY B 55 -10.66 -21.42 -0.06
C GLY B 55 -9.16 -21.35 -0.10
N THR B 56 -8.59 -20.64 -1.06
CA THR B 56 -7.15 -20.54 -1.23
C THR B 56 -6.51 -19.45 -0.38
N ASN B 57 -7.24 -18.37 -0.11
CA ASN B 57 -6.70 -17.24 0.62
C ASN B 57 -7.69 -16.79 1.69
N THR B 58 -7.17 -16.42 2.85
CA THR B 58 -7.99 -15.96 3.97
C THR B 58 -7.38 -14.68 4.53
N TYR B 59 -8.19 -13.62 4.61
CA TYR B 59 -7.71 -12.31 5.04
C TYR B 59 -8.38 -11.89 6.34
N TYR B 60 -7.60 -11.34 7.25
CA TYR B 60 -8.03 -10.85 8.54
C TYR B 60 -7.36 -9.52 8.83
N PRO B 61 -8.05 -8.58 9.48
CA PRO B 61 -7.44 -7.28 9.75
C PRO B 61 -6.41 -7.36 10.87
N GLY B 62 -5.87 -6.20 11.22
CA GLY B 62 -4.82 -6.13 12.23
C GLY B 62 -5.29 -6.41 13.63
N SER B 63 -6.59 -6.31 13.90
CA SER B 63 -7.08 -6.54 15.25
C SER B 63 -7.15 -8.03 15.59
N VAL B 64 -7.74 -8.83 14.72
CA VAL B 64 -8.13 -10.19 15.05
C VAL B 64 -7.30 -11.23 14.29
N LYS B 65 -6.05 -10.91 13.97
CA LYS B 65 -5.18 -11.87 13.29
C LYS B 65 -4.80 -13.00 14.23
N GLY B 66 -4.82 -14.22 13.70
CA GLY B 66 -4.41 -15.39 14.44
C GLY B 66 -5.46 -15.97 15.38
N ARG B 67 -6.34 -15.14 15.94
CA ARG B 67 -7.36 -15.61 16.85
C ARG B 67 -8.75 -15.67 16.22
N PHE B 68 -8.92 -15.17 15.01
CA PHE B 68 -10.11 -15.41 14.21
C PHE B 68 -9.70 -16.28 13.03
N THR B 69 -10.42 -17.35 12.81
CA THR B 69 -10.16 -18.23 11.67
C THR B 69 -11.45 -18.58 10.97
N ILE B 70 -11.49 -18.34 9.66
CA ILE B 70 -12.63 -18.72 8.85
C ILE B 70 -12.38 -20.08 8.22
N SER B 71 -13.45 -20.75 7.85
CA SER B 71 -13.36 -22.08 7.24
C SER B 71 -14.57 -22.28 6.35
N ARG B 72 -14.45 -23.22 5.41
CA ARG B 72 -15.42 -23.31 4.33
C ARG B 72 -15.39 -24.71 3.76
N ASP B 73 -16.44 -25.49 4.06
CA ASP B 73 -16.57 -26.85 3.55
C ASP B 73 -17.68 -26.89 2.51
N LYS B 74 -17.30 -27.23 1.28
CA LYS B 74 -18.19 -27.09 0.13
C LYS B 74 -19.30 -28.14 0.10
N ALA B 75 -19.10 -29.29 0.75
CA ALA B 75 -20.05 -30.39 0.60
C ALA B 75 -21.31 -30.15 1.43
N MET B 76 -21.15 -29.72 2.68
CA MET B 76 -22.28 -29.47 3.56
C MET B 76 -22.94 -28.13 3.31
N ASN B 77 -22.35 -27.30 2.44
CA ASN B 77 -22.85 -25.96 2.07
C ASN B 77 -23.00 -25.06 3.29
N THR B 78 -21.95 -25.06 4.12
CA THR B 78 -21.95 -24.28 5.35
C THR B 78 -20.85 -23.23 5.32
N LEU B 79 -20.72 -22.49 6.41
CA LEU B 79 -19.64 -21.54 6.60
C LEU B 79 -19.28 -21.56 8.08
N TYR B 80 -18.00 -21.61 8.39
CA TYR B 80 -17.53 -21.67 9.77
C TYR B 80 -16.63 -20.48 10.06
N LEU B 81 -16.96 -19.74 11.12
CA LEU B 81 -16.09 -18.71 11.67
C LEU B 81 -15.80 -19.06 13.12
N GLN B 82 -14.61 -19.57 13.38
CA GLN B 82 -14.21 -20.01 14.71
C GLN B 82 -13.40 -18.91 15.39
N LEU B 83 -13.83 -18.52 16.58
CA LEU B 83 -13.14 -17.49 17.34
C LEU B 83 -12.31 -18.13 18.44
N SER B 84 -11.40 -17.32 19.01
CA SER B 84 -10.55 -17.78 20.10
C SER B 84 -10.03 -16.56 20.85
N SER B 85 -9.95 -16.70 22.19
CA SER B 85 -9.27 -15.77 23.09
C SER B 85 -9.84 -14.35 22.99
N LEU B 86 -11.15 -14.26 23.22
CA LEU B 86 -11.87 -13.02 22.97
C LEU B 86 -11.60 -12.01 24.07
N ARG B 87 -11.61 -10.73 23.70
CA ARG B 87 -11.62 -9.63 24.65
C ARG B 87 -13.05 -9.19 24.87
N SER B 88 -13.24 -8.10 25.61
CA SER B 88 -14.56 -7.55 25.86
C SER B 88 -15.00 -6.59 24.76
N GLU B 89 -14.13 -6.32 23.79
CA GLU B 89 -14.41 -5.38 22.72
C GLU B 89 -15.14 -6.04 21.55
N ASP B 90 -15.04 -7.36 21.43
CA ASP B 90 -15.58 -8.08 20.28
C ASP B 90 -17.05 -8.46 20.44
N THR B 91 -17.80 -7.75 21.27
CA THR B 91 -19.24 -7.98 21.39
C THR B 91 -19.98 -7.27 20.25
N ALA B 92 -20.58 -8.06 19.37
CA ALA B 92 -21.16 -7.54 18.14
C ALA B 92 -22.12 -8.57 17.57
N MET B 93 -22.95 -8.12 16.62
CA MET B 93 -23.80 -9.00 15.84
C MET B 93 -23.13 -9.25 14.50
N TYR B 94 -22.93 -10.52 14.17
CA TYR B 94 -22.03 -10.91 13.08
C TYR B 94 -22.86 -11.28 11.86
N TYR B 95 -22.63 -10.59 10.75
CA TYR B 95 -23.41 -10.77 9.54
C TYR B 95 -22.67 -11.62 8.53
N CYS B 96 -23.33 -12.67 8.06
CA CYS B 96 -22.79 -13.54 7.02
C CYS B 96 -23.22 -13.00 5.66
N VAL B 97 -22.24 -12.64 4.82
CA VAL B 97 -22.52 -11.99 3.54
C VAL B 97 -21.99 -12.86 2.42
N ARG B 98 -22.47 -12.60 1.20
CA ARG B 98 -22.03 -13.31 0.02
C ARG B 98 -21.51 -12.31 -1.00
N HIS B 99 -20.28 -12.54 -1.47
CA HIS B 99 -19.70 -11.64 -2.46
C HIS B 99 -20.28 -11.93 -3.85
N SER B 100 -19.91 -11.13 -4.85
CA SER B 100 -20.48 -11.34 -6.17
C SER B 100 -19.42 -11.61 -7.21
N GLY B 101 -18.25 -12.11 -6.79
CA GLY B 101 -17.25 -12.57 -7.72
C GLY B 101 -16.50 -13.74 -7.13
N ASN B 102 -15.42 -14.12 -7.81
CA ASN B 102 -14.49 -15.08 -7.21
C ASN B 102 -13.79 -14.47 -6.00
N TYR B 103 -13.34 -13.22 -6.12
CA TYR B 103 -12.54 -12.62 -5.07
C TYR B 103 -13.40 -11.83 -4.10
N VAL B 104 -12.71 -11.08 -3.23
CA VAL B 104 -13.35 -10.26 -2.22
C VAL B 104 -13.71 -8.87 -2.76
N ASP B 105 -13.13 -8.48 -3.89
CA ASP B 105 -13.21 -7.10 -4.37
C ASP B 105 -14.62 -6.74 -4.85
N SER B 106 -15.45 -7.74 -5.15
CA SER B 106 -16.73 -7.46 -5.75
C SER B 106 -17.77 -7.00 -4.72
N VAL B 107 -19.00 -6.95 -5.16
CA VAL B 107 -20.13 -6.39 -4.42
C VAL B 107 -20.51 -7.36 -3.31
N MET B 108 -21.27 -6.88 -2.33
CA MET B 108 -21.89 -7.76 -1.34
C MET B 108 -23.39 -7.77 -1.60
N ASP B 109 -23.88 -8.80 -2.29
CA ASP B 109 -25.26 -8.77 -2.76
C ASP B 109 -26.25 -9.17 -1.67
N TYR B 110 -26.14 -10.37 -1.13
CA TYR B 110 -27.11 -10.92 -0.21
C TYR B 110 -26.47 -11.11 1.16
N TRP B 111 -27.18 -10.68 2.19
CA TRP B 111 -26.66 -10.68 3.55
C TRP B 111 -27.41 -11.69 4.41
N GLY B 112 -26.99 -11.80 5.67
CA GLY B 112 -27.65 -12.64 6.64
C GLY B 112 -28.35 -11.81 7.70
N GLN B 113 -29.11 -12.51 8.55
CA GLN B 113 -29.92 -11.82 9.54
C GLN B 113 -29.12 -11.44 10.77
N GLY B 114 -27.88 -11.87 10.88
CA GLY B 114 -27.05 -11.55 12.01
C GLY B 114 -27.18 -12.57 13.12
N THR B 115 -26.15 -12.61 13.97
CA THR B 115 -26.11 -13.51 15.11
C THR B 115 -25.37 -12.83 16.25
N SER B 116 -26.08 -12.66 17.38
CA SER B 116 -25.59 -11.83 18.46
C SER B 116 -24.68 -12.63 19.38
N VAL B 117 -23.46 -12.16 19.56
CA VAL B 117 -22.53 -12.70 20.55
C VAL B 117 -22.05 -11.55 21.43
N THR B 118 -22.39 -11.62 22.71
CA THR B 118 -22.04 -10.59 23.69
C THR B 118 -21.22 -11.24 24.79
N VAL B 119 -20.00 -10.75 24.98
CA VAL B 119 -19.14 -11.31 26.01
C VAL B 119 -19.23 -10.48 27.29
N SER B 120 -19.44 -11.15 28.41
CA SER B 120 -19.50 -10.54 29.73
C SER B 120 -19.40 -11.64 30.77
N SER B 121 -19.58 -11.25 32.04
CA SER B 121 -19.70 -12.15 33.19
C SER B 121 -18.50 -13.07 33.40
N ASP C 1 5.48 44.41 -9.77
CA ASP C 1 5.87 43.29 -10.62
C ASP C 1 4.67 42.53 -11.19
N ILE C 2 4.45 41.30 -10.75
CA ILE C 2 3.36 40.47 -11.26
C ILE C 2 2.04 40.99 -10.71
N VAL C 3 1.10 41.28 -11.60
CA VAL C 3 -0.26 41.63 -11.24
C VAL C 3 -1.19 40.65 -11.93
N MET C 4 -2.20 40.18 -11.20
CA MET C 4 -3.27 39.38 -11.76
C MET C 4 -4.58 40.13 -11.57
N THR C 5 -5.27 40.38 -12.68
CA THR C 5 -6.57 41.04 -12.65
C THR C 5 -7.65 40.01 -12.94
N GLN C 6 -8.48 39.77 -11.93
CA GLN C 6 -9.61 38.85 -12.03
C GLN C 6 -10.81 39.70 -12.37
N PHE C 7 -11.16 39.75 -13.67
CA PHE C 7 -12.06 40.77 -14.18
C PHE C 7 -13.53 40.43 -14.03
N GLN C 8 -13.89 39.49 -13.14
CA GLN C 8 -15.29 39.24 -12.81
C GLN C 8 -15.43 39.42 -11.30
N LYS C 9 -15.88 40.61 -10.89
CA LYS C 9 -16.11 40.87 -9.47
C LYS C 9 -17.35 40.14 -8.96
N PHE C 10 -18.30 39.84 -9.84
CA PHE C 10 -19.52 39.14 -9.45
C PHE C 10 -20.01 38.30 -10.62
N MET C 11 -20.08 36.99 -10.42
CA MET C 11 -20.66 36.08 -11.38
C MET C 11 -21.82 35.35 -10.71
N SER C 12 -22.99 35.39 -11.35
CA SER C 12 -24.22 34.89 -10.75
C SER C 12 -24.90 33.95 -11.74
N THR C 13 -25.06 32.69 -11.32
CA THR C 13 -25.67 31.66 -12.15
C THR C 13 -26.57 30.83 -11.24
N SER C 14 -27.61 30.22 -11.83
CA SER C 14 -28.56 29.41 -11.07
C SER C 14 -28.04 27.98 -10.94
N VAL C 15 -28.85 27.14 -10.29
CA VAL C 15 -28.42 25.78 -9.97
C VAL C 15 -28.50 24.91 -11.21
N GLY C 16 -27.43 24.17 -11.49
CA GLY C 16 -27.45 23.17 -12.53
C GLY C 16 -26.77 23.57 -13.83
N ASP C 17 -26.21 24.76 -13.92
CA ASP C 17 -25.55 25.23 -15.12
C ASP C 17 -24.04 25.12 -14.94
N ARG C 18 -23.28 25.65 -15.89
CA ARG C 18 -21.83 25.58 -15.90
C ARG C 18 -21.26 26.97 -15.62
N VAL C 19 -20.37 27.05 -14.63
CA VAL C 19 -19.72 28.29 -14.22
C VAL C 19 -18.24 28.18 -14.51
N SER C 20 -17.69 29.21 -15.17
CA SER C 20 -16.27 29.25 -15.52
C SER C 20 -15.68 30.58 -15.05
N ILE C 21 -14.77 30.49 -14.08
CA ILE C 21 -14.05 31.66 -13.59
C ILE C 21 -12.79 31.85 -14.41
N THR C 22 -12.50 33.08 -14.81
CA THR C 22 -11.36 33.38 -15.67
C THR C 22 -10.30 34.13 -14.89
N CYS C 23 -9.04 33.74 -15.09
CA CYS C 23 -7.93 34.34 -14.37
C CYS C 23 -6.70 34.30 -15.27
N LYS C 24 -6.38 35.42 -15.90
CA LYS C 24 -5.17 35.52 -16.71
C LYS C 24 -4.19 36.47 -16.05
N ALA C 25 -2.90 36.30 -16.37
CA ALA C 25 -1.80 36.79 -15.56
C ALA C 25 -1.01 37.87 -16.29
N SER C 26 0.16 38.20 -15.73
CA SER C 26 1.04 39.25 -16.21
C SER C 26 1.93 38.81 -17.38
N GLN C 27 2.63 37.70 -17.23
CA GLN C 27 3.60 37.27 -18.22
C GLN C 27 3.66 35.74 -18.21
N ASN C 28 4.75 35.20 -18.74
CA ASN C 28 4.89 33.76 -19.00
C ASN C 28 5.05 33.00 -17.69
N VAL C 29 3.92 32.64 -17.10
CA VAL C 29 3.91 31.75 -15.95
C VAL C 29 3.44 30.37 -16.42
N ARG C 30 4.38 29.43 -16.45
CA ARG C 30 4.20 28.16 -17.17
C ARG C 30 3.10 27.28 -16.59
N THR C 31 3.29 26.76 -15.37
CA THR C 31 2.28 25.91 -14.75
C THR C 31 2.08 26.20 -13.27
N ALA C 32 2.73 27.23 -12.73
CA ALA C 32 2.78 27.41 -11.27
C ALA C 32 1.70 28.40 -10.82
N VAL C 33 0.45 27.99 -10.95
CA VAL C 33 -0.69 28.76 -10.50
C VAL C 33 -1.66 27.82 -9.80
N ALA C 34 -2.05 28.16 -8.57
CA ALA C 34 -3.01 27.37 -7.82
C ALA C 34 -4.38 28.05 -7.83
N TRP C 35 -5.31 27.47 -7.07
CA TRP C 35 -6.65 28.01 -6.90
C TRP C 35 -7.12 27.74 -5.47
N TYR C 36 -7.64 28.77 -4.82
CA TYR C 36 -8.12 28.65 -3.45
C TYR C 36 -9.57 29.09 -3.34
N GLN C 37 -10.33 28.37 -2.52
CA GLN C 37 -11.76 28.57 -2.35
C GLN C 37 -12.03 28.85 -0.88
N GLN C 38 -12.71 29.96 -0.62
CA GLN C 38 -12.97 30.42 0.74
C GLN C 38 -14.49 30.46 0.96
N LYS C 39 -14.96 29.66 1.90
CA LYS C 39 -16.34 29.77 2.34
C LYS C 39 -16.48 31.02 3.21
N PRO C 40 -17.65 31.68 3.18
CA PRO C 40 -17.84 32.85 4.05
C PRO C 40 -17.88 32.44 5.52
N GLY C 41 -17.09 33.14 6.33
CA GLY C 41 -16.94 32.79 7.72
C GLY C 41 -16.06 31.59 7.99
N GLN C 42 -15.16 31.26 7.07
CA GLN C 42 -14.27 30.11 7.22
C GLN C 42 -12.94 30.43 6.55
N SER C 43 -11.91 29.66 6.89
CA SER C 43 -10.63 29.80 6.24
C SER C 43 -10.70 29.21 4.83
N PRO C 44 -9.87 29.69 3.90
CA PRO C 44 -9.86 29.10 2.56
C PRO C 44 -9.30 27.69 2.56
N LYS C 45 -9.65 26.92 1.53
CA LYS C 45 -9.17 25.57 1.33
C LYS C 45 -8.50 25.47 -0.03
N ALA C 46 -7.87 24.32 -0.29
CA ALA C 46 -7.17 24.10 -1.54
C ALA C 46 -8.13 23.51 -2.57
N MET C 47 -8.00 23.95 -3.81
CA MET C 47 -8.83 23.43 -4.90
C MET C 47 -8.00 22.69 -5.94
N ILE C 48 -7.01 23.38 -6.52
CA ILE C 48 -6.19 22.85 -7.59
C ILE C 48 -4.76 23.33 -7.37
N TYR C 49 -3.82 22.40 -7.30
CA TYR C 49 -2.41 22.74 -7.22
C TYR C 49 -1.77 22.50 -8.59
N LEU C 50 -0.83 23.37 -8.96
CA LEU C 50 -0.06 23.31 -10.20
C LEU C 50 -0.94 23.36 -11.45
N ALA C 51 -2.10 24.00 -11.34
CA ALA C 51 -3.00 24.41 -12.42
C ALA C 51 -3.69 23.27 -13.17
N SER C 52 -3.33 22.02 -12.88
CA SER C 52 -3.99 20.89 -13.51
C SER C 52 -4.60 19.92 -12.51
N ASN C 53 -3.86 19.52 -11.49
CA ASN C 53 -4.22 18.41 -10.62
C ASN C 53 -5.32 18.80 -9.64
N ARG C 54 -5.82 17.80 -8.92
CA ARG C 54 -6.91 17.98 -7.96
C ARG C 54 -6.42 17.68 -6.55
N HIS C 55 -6.69 18.59 -5.63
CA HIS C 55 -6.29 18.38 -4.25
C HIS C 55 -7.28 17.44 -3.56
N ARG C 56 -6.83 16.85 -2.44
CA ARG C 56 -7.58 15.76 -1.82
C ARG C 56 -8.83 16.29 -1.12
N GLY C 57 -9.98 15.73 -1.49
CA GLY C 57 -11.24 16.13 -0.93
C GLY C 57 -12.10 17.00 -1.81
N VAL C 58 -11.67 17.26 -3.04
CA VAL C 58 -12.41 18.11 -3.97
C VAL C 58 -13.43 17.23 -4.70
N PRO C 59 -14.61 17.74 -5.05
CA PRO C 59 -15.52 16.96 -5.88
C PRO C 59 -15.01 16.78 -7.30
N ASP C 60 -15.67 15.91 -8.05
CA ASP C 60 -15.30 15.58 -9.42
C ASP C 60 -15.68 16.69 -10.38
N ARG C 61 -16.55 17.60 -9.94
CA ARG C 61 -17.03 18.68 -10.79
C ARG C 61 -15.97 19.73 -11.04
N PHE C 62 -14.95 19.80 -10.18
CA PHE C 62 -14.02 20.92 -10.16
C PHE C 62 -12.78 20.54 -10.94
N THR C 63 -12.63 21.12 -12.13
CA THR C 63 -11.38 21.07 -12.87
C THR C 63 -11.27 22.27 -13.79
N GLY C 64 -10.04 22.65 -14.09
CA GLY C 64 -9.77 23.75 -14.99
C GLY C 64 -8.28 23.88 -15.17
N SER C 65 -7.87 24.09 -16.42
CA SER C 65 -6.47 24.02 -16.77
C SER C 65 -6.16 25.04 -17.85
N GLY C 66 -5.00 24.88 -18.47
CA GLY C 66 -4.45 25.83 -19.41
C GLY C 66 -3.05 26.22 -18.97
N CYS C 67 -2.20 26.61 -19.92
CA CYS C 67 -0.85 27.06 -19.61
C CYS C 67 -0.53 28.29 -20.44
N GLY C 68 0.55 28.98 -20.06
CA GLY C 68 0.88 30.22 -20.71
C GLY C 68 0.58 31.43 -19.85
N THR C 69 -0.52 32.11 -20.14
CA THR C 69 -0.96 33.24 -19.34
C THR C 69 -2.41 33.12 -18.90
N ASP C 70 -3.28 32.48 -19.68
CA ASP C 70 -4.70 32.41 -19.38
C ASP C 70 -5.04 31.12 -18.66
N PHE C 71 -5.51 31.23 -17.43
CA PHE C 71 -5.95 30.10 -16.63
C PHE C 71 -7.43 30.23 -16.33
N THR C 72 -8.07 29.10 -16.05
CA THR C 72 -9.49 29.09 -15.75
C THR C 72 -9.82 27.92 -14.84
N LEU C 73 -11.02 27.96 -14.27
CA LEU C 73 -11.54 26.88 -13.44
C LEU C 73 -13.01 26.71 -13.73
N THR C 74 -13.40 25.51 -14.12
CA THR C 74 -14.74 25.22 -14.63
C THR C 74 -15.50 24.34 -13.65
N ILE C 75 -16.63 24.84 -13.17
CA ILE C 75 -17.52 24.11 -12.28
C ILE C 75 -18.75 23.70 -13.06
N SER C 76 -19.11 22.42 -13.00
CA SER C 76 -20.30 21.89 -13.64
C SER C 76 -21.24 21.35 -12.57
N ASN C 77 -22.54 21.62 -12.73
CA ASN C 77 -23.61 21.27 -11.79
C ASN C 77 -23.32 21.87 -10.41
N VAL C 78 -23.37 23.21 -10.39
CA VAL C 78 -23.11 23.98 -9.18
C VAL C 78 -24.18 23.69 -8.14
N GLN C 79 -23.75 23.43 -6.91
CA GLN C 79 -24.65 23.09 -5.82
C GLN C 79 -24.98 24.34 -5.01
N CYS C 80 -25.81 24.14 -3.99
CA CYS C 80 -26.24 25.26 -3.15
C CYS C 80 -25.11 25.71 -2.22
N GLU C 81 -24.29 24.77 -1.76
CA GLU C 81 -23.21 25.11 -0.85
C GLU C 81 -21.99 25.66 -1.60
N ASP C 82 -21.99 25.59 -2.93
CA ASP C 82 -20.79 25.93 -3.69
C ASP C 82 -20.64 27.43 -3.92
N LEU C 83 -21.47 28.25 -3.27
CA LEU C 83 -21.20 29.68 -3.22
C LEU C 83 -19.92 29.90 -2.41
N ALA C 84 -18.90 30.48 -3.03
CA ALA C 84 -17.60 30.66 -2.38
C ALA C 84 -16.83 31.72 -3.16
N ASP C 85 -15.76 32.22 -2.56
CA ASP C 85 -14.78 33.05 -3.24
C ASP C 85 -13.85 32.13 -4.02
N TYR C 86 -13.20 32.67 -5.05
CA TYR C 86 -12.22 31.93 -5.81
C TYR C 86 -11.02 32.82 -6.07
N PHE C 87 -9.87 32.44 -5.51
CA PHE C 87 -8.64 33.18 -5.67
C PHE C 87 -7.70 32.41 -6.58
N CYS C 88 -6.84 33.12 -7.28
CA CYS C 88 -5.78 32.52 -8.08
C CYS C 88 -4.48 33.24 -7.79
N LEU C 89 -3.44 32.47 -7.46
CA LEU C 89 -2.15 33.04 -7.12
C LEU C 89 -1.08 32.37 -7.95
N GLN C 90 0.07 33.02 -8.05
CA GLN C 90 1.21 32.50 -8.79
C GLN C 90 2.40 32.36 -7.86
N HIS C 91 3.28 31.42 -8.18
CA HIS C 91 4.50 31.21 -7.43
C HIS C 91 5.67 30.96 -8.37
N ARG C 92 5.76 31.73 -9.45
CA ARG C 92 6.87 31.57 -10.39
C ARG C 92 8.05 32.44 -9.96
N ASN C 93 7.86 33.75 -9.91
CA ASN C 93 8.81 34.56 -9.18
C ASN C 93 8.31 34.79 -7.75
N TYR C 94 9.25 35.12 -6.87
CA TYR C 94 9.04 34.90 -5.44
C TYR C 94 7.96 35.76 -4.77
N PRO C 95 7.66 36.99 -5.18
CA PRO C 95 6.39 37.59 -4.73
C PRO C 95 5.20 36.86 -5.32
N LEU C 96 4.29 36.43 -4.43
CA LEU C 96 3.11 35.69 -4.81
C LEU C 96 1.91 36.64 -4.86
N THR C 97 1.15 36.60 -5.95
CA THR C 97 0.12 37.59 -6.22
C THR C 97 -1.26 36.95 -6.20
N PHE C 98 -2.01 37.18 -5.12
CA PHE C 98 -3.41 36.78 -5.03
C PHE C 98 -4.25 37.77 -5.83
N GLY C 99 -4.81 37.32 -6.95
CA GLY C 99 -5.26 38.24 -7.97
C GLY C 99 -6.43 39.17 -7.68
N GLY C 100 -7.67 38.68 -7.72
CA GLY C 100 -8.77 39.58 -7.46
C GLY C 100 -9.96 39.07 -6.66
N GLY C 101 -10.10 37.76 -6.53
CA GLY C 101 -11.32 37.22 -5.95
C GLY C 101 -12.50 37.16 -6.91
N THR C 102 -13.41 36.22 -6.69
CA THR C 102 -14.64 36.13 -7.48
C THR C 102 -15.74 35.58 -6.59
N LYS C 103 -16.75 36.39 -6.32
CA LYS C 103 -17.87 36.01 -5.46
C LYS C 103 -19.02 35.48 -6.29
N LEU C 104 -19.57 34.35 -5.87
CA LEU C 104 -20.72 33.73 -6.52
C LEU C 104 -21.93 33.84 -5.61
N GLU C 105 -23.11 34.02 -6.20
CA GLU C 105 -24.35 34.06 -5.44
C GLU C 105 -25.49 33.70 -6.39
N ILE C 106 -26.40 32.85 -5.91
CA ILE C 106 -27.47 32.33 -6.74
C ILE C 106 -28.61 33.34 -6.81
N LYS C 107 -29.17 33.52 -8.01
CA LYS C 107 -30.20 34.52 -8.27
C LYS C 107 -31.49 34.26 -7.52
N GLU D 1 -5.05 13.79 13.07
CA GLU D 1 -5.50 14.88 12.23
C GLU D 1 -4.71 16.15 12.49
N VAL D 2 -4.33 16.84 11.43
CA VAL D 2 -3.50 18.04 11.50
C VAL D 2 -4.36 19.29 11.45
N LYS D 3 -3.93 20.16 12.35
CA LYS D 3 -4.53 21.43 12.43
C LYS D 3 -3.46 22.37 12.99
N LEU D 4 -3.59 23.61 12.59
CA LEU D 4 -2.74 24.61 13.20
C LEU D 4 -3.59 25.60 13.95
N GLU D 5 -3.24 25.83 15.22
CA GLU D 5 -3.89 26.84 16.03
C GLU D 5 -2.89 27.96 16.30
N GLU D 6 -3.41 29.17 16.43
CA GLU D 6 -2.58 30.36 16.49
C GLU D 6 -3.19 31.38 17.43
N SER D 7 -2.34 32.28 17.94
CA SER D 7 -2.76 33.29 18.88
C SER D 7 -1.89 34.53 18.70
N GLY D 8 -2.13 35.54 19.53
CA GLY D 8 -1.41 36.79 19.44
C GLY D 8 -2.22 37.90 18.79
N GLY D 9 -3.51 37.95 19.11
CA GLY D 9 -4.40 38.97 18.56
C GLY D 9 -4.56 40.17 19.47
N GLY D 10 -4.35 41.34 18.86
CA GLY D 10 -4.55 42.57 19.57
C GLY D 10 -4.42 43.84 18.76
N LEU D 11 -4.48 44.95 19.50
CA LEU D 11 -4.31 46.24 18.85
C LEU D 11 -3.24 47.03 19.58
N VAL D 12 -2.43 47.76 18.82
CA VAL D 12 -1.49 48.73 19.35
C VAL D 12 -1.39 49.88 18.36
N GLN D 13 -0.94 51.04 18.84
CA GLN D 13 -0.77 52.19 17.96
C GLN D 13 0.41 51.94 17.02
N PRO D 14 0.42 52.54 15.80
CA PRO D 14 1.55 52.39 14.88
C PRO D 14 2.90 52.83 15.45
N GLY D 15 3.90 51.97 15.30
CA GLY D 15 5.20 52.19 15.91
C GLY D 15 5.48 51.14 16.95
N GLY D 16 4.58 50.16 17.05
CA GLY D 16 4.70 49.07 17.99
C GLY D 16 5.29 47.83 17.36
N SER D 17 5.26 46.73 18.12
CA SER D 17 5.82 45.47 17.64
C SER D 17 5.10 44.33 18.33
N MET D 18 4.86 43.27 17.57
CA MET D 18 4.12 42.12 18.06
C MET D 18 4.75 40.85 17.52
N LYS D 19 4.95 39.87 18.39
CA LYS D 19 5.50 38.58 18.01
C LYS D 19 4.43 37.52 18.26
N LEU D 20 3.65 37.22 17.23
CA LEU D 20 2.59 36.23 17.32
C LEU D 20 3.10 34.87 16.83
N SER D 21 2.60 33.82 17.45
CA SER D 21 3.08 32.47 17.19
C SER D 21 1.96 31.60 16.65
N CYS D 22 2.35 30.53 15.96
CA CYS D 22 1.41 29.54 15.42
C CYS D 22 1.96 28.16 15.73
N ALA D 23 1.27 27.44 16.62
CA ALA D 23 1.62 26.07 16.95
C ALA D 23 0.94 25.11 15.99
N ALA D 24 1.39 23.86 16.01
CA ALA D 24 0.85 22.86 15.10
C ALA D 24 0.97 21.49 15.75
N SER D 25 0.33 20.50 15.12
CA SER D 25 0.34 19.13 15.60
C SER D 25 -0.03 18.18 14.46
N GLY D 26 0.11 16.89 14.73
CA GLY D 26 -0.42 15.85 13.89
C GLY D 26 0.40 15.50 12.66
N PHE D 27 1.47 16.25 12.36
CA PHE D 27 2.23 16.01 11.14
C PHE D 27 3.71 16.24 11.41
N THR D 28 4.53 15.75 10.49
CA THR D 28 5.98 15.91 10.60
C THR D 28 6.36 17.36 10.37
N PHE D 29 6.90 17.99 11.42
CA PHE D 29 7.11 19.43 11.45
C PHE D 29 8.34 19.89 10.68
N SER D 30 9.40 19.09 10.62
CA SER D 30 10.64 19.59 10.05
C SER D 30 10.65 19.49 8.53
N ASP D 31 9.62 18.92 7.93
CA ASP D 31 9.52 18.80 6.47
C ASP D 31 8.26 19.56 6.04
N ALA D 32 8.40 20.88 5.89
CA ALA D 32 7.27 21.76 5.62
C ALA D 32 7.78 23.15 5.30
N TRP D 33 7.10 23.82 4.36
CA TRP D 33 7.31 25.25 4.12
C TRP D 33 6.09 25.99 4.65
N MET D 34 6.16 26.36 5.93
CA MET D 34 5.05 27.03 6.59
C MET D 34 5.11 28.53 6.32
N ASP D 35 4.22 29.02 5.45
CA ASP D 35 4.19 30.42 5.06
C ASP D 35 3.07 31.14 5.81
N TRP D 36 2.97 32.45 5.58
CA TRP D 36 1.91 33.26 6.15
C TRP D 36 1.33 34.11 5.03
N VAL D 37 -0.01 34.20 4.98
CA VAL D 37 -0.70 35.13 4.09
C VAL D 37 -1.62 35.98 4.94
N ARG D 38 -2.03 37.11 4.38
CA ARG D 38 -2.80 38.11 5.11
C ARG D 38 -4.07 38.43 4.34
N GLN D 39 -5.21 38.39 5.02
CA GLN D 39 -6.49 38.72 4.43
C GLN D 39 -6.99 40.04 5.00
N SER D 40 -7.14 41.03 4.12
CA SER D 40 -7.75 42.31 4.43
C SER D 40 -8.97 42.47 3.54
N PRO D 41 -10.00 43.19 3.99
CA PRO D 41 -11.20 43.34 3.16
C PRO D 41 -11.03 44.27 1.97
N GLU D 42 -9.91 44.97 1.84
CA GLU D 42 -9.79 46.00 0.82
C GLU D 42 -8.92 45.59 -0.36
N LYS D 43 -7.94 44.71 -0.15
CA LYS D 43 -7.03 44.34 -1.23
C LYS D 43 -7.00 42.84 -1.54
N GLY D 44 -8.03 42.10 -1.15
CA GLY D 44 -8.02 40.67 -1.38
C GLY D 44 -7.12 39.99 -0.36
N LEU D 45 -6.12 39.26 -0.85
CA LEU D 45 -5.13 38.62 0.00
C LEU D 45 -3.75 39.12 -0.36
N GLU D 46 -2.85 39.16 0.61
CA GLU D 46 -1.45 39.47 0.39
C GLU D 46 -0.59 38.37 0.99
N TRP D 47 0.62 38.22 0.45
CA TRP D 47 1.59 37.26 0.93
C TRP D 47 2.54 37.96 1.91
N VAL D 48 2.78 37.31 3.05
CA VAL D 48 3.53 37.93 4.13
C VAL D 48 4.99 37.49 4.10
N ALA D 49 5.22 36.19 4.30
CA ALA D 49 6.58 35.68 4.41
C ALA D 49 6.57 34.19 4.05
N GLN D 50 7.72 33.55 4.23
CA GLN D 50 7.92 32.14 3.94
C GLN D 50 9.20 31.68 4.64
N ILE D 51 9.12 30.57 5.36
CA ILE D 51 10.30 29.88 5.86
C ILE D 51 10.32 28.48 5.25
N ARG D 52 11.45 28.12 4.68
CA ARG D 52 11.57 26.88 3.92
C ARG D 52 11.89 25.72 4.86
N ARG D 53 12.29 24.59 4.28
CA ARG D 53 12.55 23.38 5.03
C ARG D 53 13.88 23.51 5.80
N LYS D 54 14.12 22.52 6.67
CA LYS D 54 15.40 22.43 7.35
C LYS D 54 16.54 22.12 6.38
N ALA D 55 16.26 21.34 5.34
CA ALA D 55 17.30 20.97 4.39
C ALA D 55 17.73 22.13 3.50
N ASN D 56 16.87 23.13 3.30
CA ASN D 56 17.22 24.31 2.51
C ASN D 56 17.76 25.44 3.38
N ASN D 57 18.33 25.09 4.53
CA ASN D 57 19.05 25.99 5.45
C ASN D 57 18.15 27.11 5.98
N HIS D 58 16.84 26.86 6.07
CA HIS D 58 15.82 27.84 6.44
C HIS D 58 15.90 29.09 5.57
N ALA D 59 15.78 28.88 4.26
CA ALA D 59 15.86 29.99 3.32
C ALA D 59 14.62 30.86 3.43
N THR D 60 14.75 31.94 4.19
CA THR D 60 13.62 32.78 4.58
C THR D 60 13.60 34.04 3.73
N TYR D 61 12.47 34.29 3.08
CA TYR D 61 12.29 35.47 2.25
C TYR D 61 10.94 36.10 2.55
N TYR D 62 10.83 37.40 2.28
CA TYR D 62 9.62 38.17 2.53
C TYR D 62 9.19 38.89 1.26
N ALA D 63 8.09 39.63 1.37
CA ALA D 63 7.62 40.47 0.29
C ALA D 63 8.34 41.81 0.34
N GLU D 64 8.33 42.53 -0.79
CA GLU D 64 9.04 43.80 -0.85
C GLU D 64 8.27 44.94 -0.18
N SER D 65 7.01 44.71 0.22
CA SER D 65 6.31 45.72 1.01
C SER D 65 6.70 45.70 2.48
N VAL D 66 7.33 44.62 2.95
CA VAL D 66 7.65 44.47 4.36
C VAL D 66 9.15 44.25 4.54
N LYS D 67 9.97 44.96 3.76
CA LYS D 67 11.43 44.81 3.80
C LYS D 67 11.98 45.22 5.15
N GLY D 68 12.71 44.32 5.79
CA GLY D 68 13.35 44.59 7.07
C GLY D 68 12.45 44.54 8.30
N ARG D 69 11.26 45.14 8.21
CA ARG D 69 10.34 45.23 9.33
C ARG D 69 9.69 43.89 9.68
N PHE D 70 9.78 42.90 8.81
CA PHE D 70 9.17 41.60 9.04
C PHE D 70 10.25 40.53 9.05
N THR D 71 10.20 39.67 10.07
CA THR D 71 11.11 38.55 10.13
C THR D 71 10.41 37.38 10.81
N ILE D 72 10.75 36.18 10.36
CA ILE D 72 10.11 34.96 10.83
C ILE D 72 11.20 34.03 11.36
N SER D 73 10.78 33.12 12.25
CA SER D 73 11.69 32.16 12.86
C SER D 73 10.87 30.95 13.31
N ARG D 74 11.47 29.77 13.21
CA ARG D 74 10.84 28.54 13.67
C ARG D 74 11.72 27.84 14.69
N ASP D 75 11.11 26.86 15.36
CA ASP D 75 11.85 25.90 16.17
C ASP D 75 11.10 24.57 16.11
N ASP D 76 11.64 23.63 15.33
CA ASP D 76 10.94 22.38 15.07
C ASP D 76 10.94 21.42 16.25
N SER D 77 11.81 21.63 17.24
CA SER D 77 11.78 20.79 18.43
C SER D 77 10.56 21.08 19.28
N LYS D 78 10.25 22.36 19.48
CA LYS D 78 9.02 22.77 20.15
C LYS D 78 7.82 22.80 19.19
N SER D 79 8.07 22.76 17.89
CA SER D 79 7.06 22.72 16.82
C SER D 79 6.11 23.92 16.88
N SER D 80 6.67 25.11 16.66
CA SER D 80 5.89 26.33 16.49
C SER D 80 6.63 27.29 15.56
N VAL D 81 5.93 28.30 15.09
CA VAL D 81 6.45 29.28 14.14
C VAL D 81 6.28 30.68 14.74
N TYR D 82 7.39 31.39 14.92
CA TYR D 82 7.37 32.74 15.48
C TYR D 82 7.53 33.77 14.38
N LEU D 83 6.57 34.69 14.30
CA LEU D 83 6.63 35.82 13.38
C LEU D 83 6.59 37.10 14.20
N GLN D 84 7.68 37.86 14.21
CA GLN D 84 7.70 39.17 14.86
C GLN D 84 7.77 40.25 13.79
N MET D 85 7.01 41.32 14.00
CA MET D 85 6.86 42.41 13.05
C MET D 85 7.17 43.73 13.76
N ASN D 86 7.81 44.66 13.03
CA ASN D 86 8.49 45.79 13.65
C ASN D 86 7.99 47.12 13.09
N SER D 87 7.64 48.03 14.01
CA SER D 87 7.44 49.47 13.73
C SER D 87 6.38 49.70 12.66
N LEU D 88 5.14 49.33 12.98
CA LEU D 88 4.16 49.05 11.94
C LEU D 88 3.49 50.33 11.44
N ARG D 89 2.86 50.20 10.27
CA ARG D 89 2.06 51.27 9.68
C ARG D 89 0.58 50.91 9.82
N ALA D 90 -0.30 51.71 9.21
CA ALA D 90 -1.73 51.59 9.45
C ALA D 90 -2.45 50.67 8.49
N GLU D 91 -1.93 50.45 7.27
CA GLU D 91 -2.70 49.71 6.29
C GLU D 91 -2.37 48.22 6.29
N ASP D 92 -1.62 47.74 7.30
CA ASP D 92 -1.35 46.32 7.45
C ASP D 92 -2.40 45.61 8.31
N THR D 93 -3.60 46.15 8.40
CA THR D 93 -4.66 45.55 9.19
C THR D 93 -5.25 44.36 8.44
N GLY D 94 -5.61 43.32 9.18
CA GLY D 94 -6.37 42.23 8.60
C GLY D 94 -6.11 40.93 9.33
N ILE D 95 -6.60 39.85 8.73
CA ILE D 95 -6.46 38.51 9.29
C ILE D 95 -5.23 37.87 8.70
N TYR D 96 -4.37 37.33 9.56
CA TYR D 96 -3.11 36.71 9.15
C TYR D 96 -3.23 35.20 9.35
N TYR D 97 -3.33 34.46 8.25
CA TYR D 97 -3.56 33.02 8.33
C TYR D 97 -2.26 32.28 8.61
N CYS D 98 -2.39 30.98 8.90
CA CYS D 98 -1.27 30.10 9.17
C CYS D 98 -1.41 28.87 8.27
N ILE D 99 -0.33 28.54 7.55
CA ILE D 99 -0.40 27.58 6.46
C ILE D 99 0.66 26.51 6.69
N ARG D 100 0.32 25.24 6.44
CA ARG D 100 1.31 24.17 6.52
C ARG D 100 2.25 24.21 5.33
N GLY D 101 1.73 24.11 4.12
CA GLY D 101 2.55 24.15 2.93
C GLY D 101 1.73 24.58 1.73
N MET D 102 2.23 25.57 1.00
CA MET D 102 1.49 26.20 -0.07
C MET D 102 1.75 25.48 -1.40
N THR D 103 0.73 25.48 -2.25
CA THR D 103 0.82 25.15 -3.68
C THR D 103 1.34 23.74 -3.94
N TYR D 104 0.93 22.79 -3.10
CA TYR D 104 1.20 21.38 -3.32
C TYR D 104 0.16 20.60 -2.52
N ALA D 105 0.31 19.27 -2.47
CA ALA D 105 -0.54 18.44 -1.63
C ALA D 105 -0.23 18.72 -0.16
N MET D 106 -1.14 18.24 0.70
CA MET D 106 -1.20 18.58 2.13
C MET D 106 -1.18 20.09 2.34
N ASP D 107 -2.11 20.78 1.67
CA ASP D 107 -2.19 22.24 1.71
C ASP D 107 -3.24 22.67 2.75
N PHE D 108 -2.95 22.38 4.01
CA PHE D 108 -3.87 22.71 5.09
C PHE D 108 -3.68 24.15 5.53
N TRP D 109 -4.76 24.78 5.98
CA TRP D 109 -4.76 26.16 6.42
C TRP D 109 -5.29 26.26 7.84
N GLY D 110 -4.94 27.34 8.52
CA GLY D 110 -5.36 27.53 9.90
C GLY D 110 -6.71 28.21 10.03
N GLN D 111 -6.78 29.24 10.88
CA GLN D 111 -7.98 30.05 11.00
C GLN D 111 -7.71 31.54 11.03
N GLY D 112 -6.45 31.96 11.15
CA GLY D 112 -6.12 33.37 11.15
C GLY D 112 -6.10 33.96 12.55
N THR D 113 -5.70 35.23 12.60
CA THR D 113 -5.66 36.01 13.83
C THR D 113 -6.36 37.34 13.61
N SER D 114 -7.06 37.81 14.63
CA SER D 114 -7.67 39.14 14.60
C SER D 114 -6.67 40.14 15.18
N VAL D 115 -5.89 40.77 14.32
CA VAL D 115 -4.98 41.85 14.70
C VAL D 115 -5.42 43.10 13.98
N THR D 116 -5.37 44.23 14.68
CA THR D 116 -5.89 45.48 14.18
C THR D 116 -4.99 46.63 14.62
N VAL D 117 -5.23 47.80 14.06
CA VAL D 117 -4.45 49.00 14.35
C VAL D 117 -5.42 50.15 14.61
N SER D 118 -4.90 51.21 15.21
CA SER D 118 -5.69 52.42 15.41
C SER D 118 -5.16 53.56 14.54
N THR E 1 13.13 -30.27 -26.65
CA THR E 1 11.93 -30.07 -25.85
C THR E 1 12.23 -29.20 -24.61
N ASN E 2 13.03 -28.16 -24.83
CA ASN E 2 13.47 -27.28 -23.75
C ASN E 2 12.33 -26.37 -23.32
N LEU E 3 11.94 -26.46 -22.04
CA LEU E 3 10.89 -25.61 -21.51
C LEU E 3 11.42 -24.20 -21.35
N CYS E 4 10.58 -23.21 -21.63
CA CYS E 4 11.09 -21.85 -21.58
C CYS E 4 10.77 -21.19 -20.24
N PRO E 5 11.63 -20.27 -19.76
CA PRO E 5 11.59 -19.90 -18.34
C PRO E 5 10.42 -19.05 -17.89
N PHE E 6 9.29 -19.69 -17.60
CA PHE E 6 8.29 -19.06 -16.77
C PHE E 6 8.65 -19.11 -15.29
N ASP E 7 9.52 -20.05 -14.91
CA ASP E 7 9.89 -20.16 -13.50
C ASP E 7 10.84 -19.05 -13.08
N GLU E 8 11.52 -18.41 -14.02
CA GLU E 8 12.36 -17.29 -13.66
C GLU E 8 11.57 -16.01 -13.41
N VAL E 9 10.32 -15.95 -13.87
CA VAL E 9 9.54 -14.72 -13.81
C VAL E 9 8.29 -14.84 -12.95
N PHE E 10 7.88 -16.04 -12.56
CA PHE E 10 6.68 -16.19 -11.74
C PHE E 10 6.99 -16.37 -10.26
N ASN E 11 7.67 -17.45 -9.88
CA ASN E 11 7.99 -17.63 -8.46
C ASN E 11 9.36 -17.06 -8.12
N ALA E 12 9.61 -15.81 -8.49
CA ALA E 12 10.87 -15.15 -8.16
C ALA E 12 10.77 -14.46 -6.81
N THR E 13 11.92 -14.01 -6.31
CA THR E 13 11.93 -13.40 -4.98
C THR E 13 11.65 -11.90 -5.04
N ARG E 14 12.45 -11.17 -5.80
CA ARG E 14 12.38 -9.71 -5.84
C ARG E 14 11.81 -9.28 -7.18
N PHE E 15 10.53 -8.92 -7.20
CA PHE E 15 9.98 -8.19 -8.33
C PHE E 15 10.38 -6.73 -8.25
N ALA E 16 10.74 -6.16 -9.39
CA ALA E 16 11.14 -4.76 -9.41
C ALA E 16 9.92 -3.87 -9.29
N SER E 17 10.15 -2.63 -8.89
CA SER E 17 9.05 -1.70 -8.67
C SER E 17 8.48 -1.24 -10.01
N VAL E 18 7.34 -0.55 -9.93
CA VAL E 18 6.56 -0.29 -11.14
C VAL E 18 7.18 0.80 -12.02
N TYR E 19 7.99 1.70 -11.47
CA TYR E 19 8.55 2.75 -12.31
C TYR E 19 9.69 2.26 -13.18
N ALA E 20 10.32 1.15 -12.79
CA ALA E 20 11.32 0.48 -13.63
C ALA E 20 10.97 -1.01 -13.66
N TRP E 21 10.08 -1.38 -14.56
CA TRP E 21 9.60 -2.75 -14.66
C TRP E 21 10.55 -3.56 -15.54
N ASN E 22 11.10 -4.63 -14.99
CA ASN E 22 12.00 -5.47 -15.76
C ASN E 22 11.22 -6.32 -16.75
N ARG E 23 11.77 -6.47 -17.95
CA ARG E 23 11.06 -7.05 -19.08
C ARG E 23 11.88 -8.21 -19.63
N LYS E 24 11.29 -9.40 -19.63
CA LYS E 24 11.98 -10.59 -20.11
C LYS E 24 11.48 -10.96 -21.50
N ARG E 25 12.37 -10.98 -22.47
CA ARG E 25 12.02 -11.35 -23.84
C ARG E 25 12.16 -12.85 -24.00
N ILE E 26 11.05 -13.55 -24.00
CA ILE E 26 11.03 -15.01 -24.06
C ILE E 26 10.96 -15.43 -25.52
N SER E 27 11.80 -16.38 -25.91
CA SER E 27 11.80 -16.89 -27.27
C SER E 27 12.31 -18.33 -27.25
N ASN E 28 12.02 -19.04 -28.35
CA ASN E 28 12.35 -20.46 -28.55
C ASN E 28 11.82 -21.31 -27.40
N CYS E 29 10.50 -21.32 -27.29
CA CYS E 29 9.78 -22.09 -26.29
C CYS E 29 9.42 -23.46 -26.81
N VAL E 30 9.01 -24.29 -25.88
CA VAL E 30 7.82 -25.11 -26.04
C VAL E 30 6.98 -24.80 -24.79
N ALA E 31 6.15 -23.77 -24.91
CA ALA E 31 5.59 -23.12 -23.74
C ALA E 31 4.44 -23.94 -23.19
N ASP E 32 4.62 -24.42 -21.97
CA ASP E 32 3.63 -25.27 -21.31
C ASP E 32 2.84 -24.38 -20.38
N TYR E 33 1.72 -23.86 -20.87
CA TYR E 33 0.83 -23.04 -20.04
C TYR E 33 -0.04 -23.89 -19.13
N SER E 34 0.07 -25.21 -19.18
CA SER E 34 -0.75 -26.06 -18.33
C SER E 34 -0.26 -26.04 -16.87
N VAL E 35 0.95 -25.52 -16.64
CA VAL E 35 1.43 -25.37 -15.27
C VAL E 35 0.77 -24.16 -14.62
N LEU E 36 0.20 -23.26 -15.44
CA LEU E 36 -0.56 -22.13 -14.88
C LEU E 36 -1.95 -22.56 -14.48
N TYR E 37 -2.52 -23.55 -15.18
CA TYR E 37 -3.92 -23.89 -14.98
C TYR E 37 -4.09 -24.83 -13.80
N ASN E 38 -2.99 -25.35 -13.27
CA ASN E 38 -3.00 -26.11 -12.03
C ASN E 38 -2.63 -25.26 -10.82
N LEU E 39 -2.02 -24.10 -11.02
CA LEU E 39 -1.73 -23.19 -9.93
C LEU E 39 -3.00 -22.42 -9.58
N ALA E 40 -3.55 -22.71 -8.41
CA ALA E 40 -4.80 -22.13 -7.90
C ALA E 40 -4.83 -20.62 -7.65
N PRO E 41 -3.91 -20.01 -6.89
CA PRO E 41 -4.27 -18.76 -6.18
C PRO E 41 -4.30 -17.49 -7.02
N PHE E 42 -4.42 -17.59 -8.35
CA PHE E 42 -4.39 -16.39 -9.18
C PHE E 42 -5.68 -15.59 -9.06
N PHE E 43 -5.54 -14.31 -8.70
CA PHE E 43 -6.67 -13.40 -8.55
C PHE E 43 -7.38 -13.16 -9.87
N ALA E 44 -6.63 -12.89 -10.93
CA ALA E 44 -7.21 -12.60 -12.22
C ALA E 44 -6.40 -13.26 -13.30
N PHE E 45 -7.05 -14.13 -14.06
CA PHE E 45 -6.45 -14.65 -15.28
C PHE E 45 -7.29 -14.07 -16.39
N LYS E 46 -7.01 -12.83 -16.76
CA LYS E 46 -7.78 -12.08 -17.74
C LYS E 46 -6.96 -12.00 -19.00
N CYS E 47 -7.59 -12.22 -20.14
CA CYS E 47 -6.94 -12.09 -21.43
C CYS E 47 -7.76 -11.19 -22.33
N TYR E 48 -7.08 -10.29 -23.04
CA TYR E 48 -7.73 -9.39 -23.96
C TYR E 48 -7.29 -9.71 -25.37
N GLY E 49 -8.25 -10.16 -26.18
CA GLY E 49 -7.98 -10.46 -27.58
C GLY E 49 -7.76 -11.93 -27.86
N VAL E 50 -7.35 -12.70 -26.85
CA VAL E 50 -7.17 -14.13 -27.00
C VAL E 50 -8.04 -14.84 -25.96
N SER E 51 -8.37 -16.09 -26.24
CA SER E 51 -9.20 -16.87 -25.33
C SER E 51 -8.31 -17.69 -24.40
N PRO E 52 -8.66 -17.82 -23.12
CA PRO E 52 -7.80 -18.60 -22.20
C PRO E 52 -7.80 -20.10 -22.48
N THR E 53 -8.92 -20.67 -22.93
CA THR E 53 -8.94 -22.11 -23.14
C THR E 53 -8.22 -22.53 -24.42
N LYS E 54 -8.18 -21.66 -25.43
CA LYS E 54 -7.43 -21.95 -26.65
C LYS E 54 -6.03 -21.36 -26.62
N LEU E 55 -5.44 -21.19 -25.43
CA LEU E 55 -4.19 -20.47 -25.34
C LEU E 55 -3.01 -21.40 -25.56
N ASN E 56 -3.20 -22.69 -25.30
CA ASN E 56 -2.10 -23.65 -25.41
C ASN E 56 -1.77 -23.96 -26.86
N ASP E 57 -2.76 -23.88 -27.75
CA ASP E 57 -2.62 -24.48 -29.07
C ASP E 57 -2.13 -23.52 -30.15
N LEU E 58 -2.25 -22.21 -29.96
CA LEU E 58 -1.87 -21.28 -31.01
C LEU E 58 -0.41 -20.86 -30.86
N CYS E 59 0.19 -20.42 -31.96
CA CYS E 59 1.62 -20.19 -32.04
C CYS E 59 1.93 -18.69 -32.08
N PHE E 60 3.06 -18.31 -31.51
CA PHE E 60 3.54 -16.94 -31.57
C PHE E 60 5.01 -16.90 -31.98
N THR E 61 5.58 -15.72 -32.10
CA THR E 61 7.01 -15.57 -32.38
C THR E 61 7.79 -15.07 -31.17
N ASN E 62 7.31 -14.00 -30.53
CA ASN E 62 7.96 -13.49 -29.34
C ASN E 62 6.89 -13.17 -28.30
N VAL E 63 7.14 -13.55 -27.06
CA VAL E 63 6.23 -13.32 -25.95
C VAL E 63 6.98 -12.54 -24.88
N TYR E 64 6.49 -11.36 -24.55
CA TYR E 64 7.12 -10.52 -23.54
C TYR E 64 6.41 -10.70 -22.21
N ALA E 65 7.18 -10.76 -21.13
CA ALA E 65 6.63 -10.90 -19.79
C ALA E 65 7.17 -9.78 -18.92
N ASP E 66 6.34 -8.79 -18.66
CA ASP E 66 6.69 -7.71 -17.74
C ASP E 66 6.31 -8.11 -16.33
N SER E 67 6.81 -7.35 -15.36
CA SER E 67 6.58 -7.66 -13.96
C SER E 67 6.78 -6.41 -13.14
N PHE E 68 5.87 -6.19 -12.18
CA PHE E 68 5.98 -5.06 -11.27
C PHE E 68 5.15 -5.37 -10.03
N VAL E 69 5.12 -4.42 -9.10
CA VAL E 69 4.37 -4.55 -7.86
C VAL E 69 3.52 -3.30 -7.69
N ILE E 70 2.20 -3.46 -7.67
CA ILE E 70 1.28 -2.36 -7.52
C ILE E 70 0.34 -2.67 -6.36
N ARG E 71 -0.44 -1.67 -5.98
CA ARG E 71 -1.50 -1.86 -5.02
C ARG E 71 -2.57 -2.78 -5.59
N GLY E 72 -3.32 -3.43 -4.71
CA GLY E 72 -4.42 -4.25 -5.15
C GLY E 72 -5.55 -3.41 -5.73
N ASN E 73 -5.66 -2.14 -5.41
CA ASN E 73 -6.69 -1.32 -6.06
C ASN E 73 -6.29 -0.99 -7.50
N GLU E 74 -5.01 -0.72 -7.69
CA GLU E 74 -4.54 -0.30 -9.00
C GLU E 74 -4.50 -1.37 -10.07
N VAL E 75 -4.75 -2.61 -9.71
CA VAL E 75 -4.79 -3.65 -10.73
C VAL E 75 -5.89 -3.25 -11.71
N SER E 76 -6.97 -2.65 -11.21
CA SER E 76 -8.03 -2.18 -12.11
C SER E 76 -7.57 -1.04 -13.02
N GLN E 77 -6.29 -0.98 -13.38
CA GLN E 77 -5.73 -0.03 -14.31
C GLN E 77 -4.76 -0.68 -15.29
N ILE E 78 -4.42 -1.95 -15.07
CA ILE E 78 -3.63 -2.71 -16.05
C ILE E 78 -4.62 -3.32 -17.03
N ALA E 79 -5.02 -2.54 -18.03
CA ALA E 79 -6.12 -2.90 -18.92
C ALA E 79 -6.05 -2.02 -20.16
N PRO E 80 -6.57 -2.46 -21.30
CA PRO E 80 -6.56 -1.59 -22.49
C PRO E 80 -7.56 -0.46 -22.38
N GLY E 81 -7.07 0.78 -22.26
CA GLY E 81 -7.89 1.98 -22.35
C GLY E 81 -8.04 2.73 -21.04
N GLN E 82 -7.88 2.05 -19.92
CA GLN E 82 -8.09 2.66 -18.62
C GLN E 82 -7.00 3.66 -18.29
N THR E 83 -7.40 4.73 -17.59
CA THR E 83 -6.52 5.81 -17.18
C THR E 83 -6.43 5.83 -15.66
N GLY E 84 -5.45 6.56 -15.15
CA GLY E 84 -5.24 6.57 -13.70
C GLY E 84 -3.87 7.13 -13.34
N ASN E 85 -3.15 6.37 -12.51
CA ASN E 85 -1.78 6.74 -12.19
C ASN E 85 -0.80 5.70 -12.73
N ILE E 86 -1.16 4.43 -12.67
CA ILE E 86 -0.28 3.38 -13.15
C ILE E 86 -0.29 3.29 -14.66
N ALA E 87 -1.46 3.49 -15.28
CA ALA E 87 -1.53 3.47 -16.73
C ALA E 87 -1.41 4.85 -17.36
N ASP E 88 -1.00 5.86 -16.60
CA ASP E 88 -0.81 7.19 -17.17
C ASP E 88 0.60 7.72 -16.96
N TYR E 89 1.27 7.32 -15.88
CA TYR E 89 2.61 7.76 -15.61
C TYR E 89 3.59 6.62 -15.34
N ASN E 90 3.13 5.37 -15.29
CA ASN E 90 4.02 4.26 -14.96
C ASN E 90 4.09 3.20 -16.04
N TYR E 91 2.95 2.67 -16.48
CA TYR E 91 2.95 1.53 -17.39
C TYR E 91 1.61 1.48 -18.11
N LYS E 92 1.59 1.83 -19.39
CA LYS E 92 0.36 1.91 -20.18
C LYS E 92 0.41 0.90 -21.31
N LEU E 93 -0.72 0.25 -21.55
CA LEU E 93 -1.01 -0.79 -22.52
C LEU E 93 -1.70 -0.20 -23.75
N PRO E 94 -1.50 -0.75 -24.94
CA PRO E 94 -2.20 -0.24 -26.12
C PRO E 94 -3.59 -0.83 -26.23
N ASP E 95 -4.39 -0.25 -27.13
CA ASP E 95 -5.81 -0.59 -27.24
C ASP E 95 -6.05 -1.78 -28.17
N ASP E 96 -5.00 -2.21 -28.87
CA ASP E 96 -5.07 -3.43 -29.66
C ASP E 96 -4.30 -4.55 -28.97
N PHE E 97 -4.39 -4.59 -27.64
CA PHE E 97 -3.61 -5.52 -26.83
C PHE E 97 -4.05 -6.95 -27.07
N THR E 98 -3.08 -7.84 -27.13
CA THR E 98 -3.31 -9.25 -27.48
C THR E 98 -2.60 -10.16 -26.49
N GLY E 99 -2.61 -9.78 -25.22
CA GLY E 99 -1.96 -10.58 -24.20
C GLY E 99 -2.83 -10.80 -22.98
N CYS E 100 -2.26 -11.35 -21.92
CA CYS E 100 -3.01 -11.68 -20.72
C CYS E 100 -2.41 -10.92 -19.53
N VAL E 101 -3.19 -10.84 -18.46
CA VAL E 101 -2.77 -10.14 -17.24
C VAL E 101 -3.01 -11.09 -16.07
N ILE E 102 -1.96 -11.34 -15.29
CA ILE E 102 -2.02 -12.22 -14.13
C ILE E 102 -1.70 -11.39 -12.89
N ALA E 103 -2.43 -11.62 -11.80
CA ALA E 103 -2.25 -10.86 -10.57
C ALA E 103 -2.25 -11.78 -9.35
N TRP E 104 -1.50 -11.38 -8.33
CA TRP E 104 -1.28 -12.13 -7.11
C TRP E 104 -1.98 -11.49 -5.92
N ASN E 105 -1.71 -12.03 -4.73
CA ASN E 105 -1.96 -11.34 -3.46
C ASN E 105 -0.75 -11.65 -2.59
N SER E 106 0.27 -10.81 -2.66
CA SER E 106 1.48 -11.01 -1.86
C SER E 106 1.47 -9.98 -0.74
N ASN E 107 0.72 -10.29 0.31
CA ASN E 107 0.82 -9.57 1.58
C ASN E 107 1.70 -10.31 2.57
N LYS E 108 1.77 -11.63 2.41
CA LYS E 108 2.65 -12.48 3.19
C LYS E 108 4.12 -12.17 2.92
N LEU E 109 4.46 -11.80 1.70
CA LEU E 109 5.83 -11.84 1.23
C LEU E 109 6.48 -10.48 1.04
N ASP E 110 5.70 -9.42 0.80
CA ASP E 110 6.25 -8.11 0.46
C ASP E 110 5.85 -7.06 1.48
N SER E 111 5.82 -7.40 2.77
CA SER E 111 5.38 -6.45 3.77
C SER E 111 5.99 -6.77 5.13
N LYS E 112 6.56 -5.75 5.76
CA LYS E 112 6.98 -5.79 7.15
C LYS E 112 6.02 -4.94 7.98
N VAL E 113 6.16 -5.03 9.32
CA VAL E 113 5.33 -4.19 10.17
C VAL E 113 5.83 -2.75 10.14
N GLY E 114 7.10 -2.53 9.83
CA GLY E 114 7.56 -1.22 9.43
C GLY E 114 7.27 -0.98 7.97
N GLY E 115 7.50 0.25 7.53
CA GLY E 115 7.26 0.60 6.14
C GLY E 115 8.27 -0.06 5.22
N ASN E 116 7.76 -0.85 4.27
CA ASN E 116 8.60 -1.46 3.25
C ASN E 116 8.81 -0.44 2.15
N TYR E 117 9.71 0.51 2.38
CA TYR E 117 9.88 1.67 1.53
C TYR E 117 10.75 1.41 0.31
N ASN E 118 10.96 0.15 -0.05
CA ASN E 118 11.74 -0.15 -1.25
C ASN E 118 10.94 0.15 -2.52
N TYR E 119 9.66 -0.21 -2.53
CA TYR E 119 8.86 -0.07 -3.74
C TYR E 119 8.46 1.38 -3.97
N LEU E 120 8.68 1.87 -5.18
CA LEU E 120 8.41 3.25 -5.53
C LEU E 120 7.38 3.28 -6.65
N TYR E 121 6.79 4.45 -6.88
CA TYR E 121 5.88 4.64 -8.01
C TYR E 121 5.92 6.09 -8.42
N ARG E 122 5.76 6.33 -9.71
CA ARG E 122 5.85 7.66 -10.26
C ARG E 122 4.57 8.42 -9.95
N LEU E 123 4.69 9.74 -9.78
CA LEU E 123 3.55 10.57 -9.41
C LEU E 123 3.02 11.42 -10.54
N PHE E 124 3.90 11.95 -11.40
CA PHE E 124 3.46 12.81 -12.48
C PHE E 124 4.46 12.74 -13.63
N ARG E 125 4.07 13.29 -14.76
CA ARG E 125 4.94 13.45 -15.91
C ARG E 125 4.47 14.68 -16.68
N LYS E 126 5.34 15.18 -17.55
CA LYS E 126 4.95 16.33 -18.37
C LYS E 126 4.03 15.93 -19.50
N SER E 127 3.96 14.63 -19.82
CA SER E 127 3.00 14.12 -20.78
C SER E 127 2.74 12.65 -20.46
N ASN E 128 1.59 12.17 -20.90
CA ASN E 128 1.24 10.77 -20.68
C ASN E 128 2.13 9.87 -21.53
N LEU E 129 2.29 8.64 -21.06
CA LEU E 129 3.24 7.72 -21.67
C LEU E 129 2.71 7.19 -22.99
N LYS E 130 3.58 7.16 -24.00
CA LYS E 130 3.37 6.28 -25.12
C LYS E 130 3.41 4.84 -24.61
N PRO E 131 2.60 3.94 -25.18
CA PRO E 131 2.47 2.58 -24.62
C PRO E 131 3.75 1.76 -24.67
N PHE E 132 3.92 0.89 -23.66
CA PHE E 132 5.08 0.01 -23.48
C PHE E 132 6.39 0.80 -23.39
N GLU E 133 6.41 1.77 -22.48
CA GLU E 133 7.59 2.59 -22.30
C GLU E 133 7.84 2.81 -20.81
N ARG E 134 9.08 2.58 -20.39
CA ARG E 134 9.47 2.80 -19.00
C ARG E 134 10.22 4.12 -18.91
N ASP E 135 10.17 4.72 -17.73
CA ASP E 135 10.72 6.05 -17.51
C ASP E 135 11.46 6.05 -16.18
N ILE E 136 12.79 6.11 -16.23
CA ILE E 136 13.61 6.07 -15.03
C ILE E 136 14.24 7.45 -14.78
N SER E 137 13.59 8.52 -15.22
CA SER E 137 14.10 9.88 -15.00
C SER E 137 13.97 10.20 -13.53
N THR E 138 15.10 10.38 -12.85
CA THR E 138 15.13 10.67 -11.42
C THR E 138 15.81 12.03 -11.23
N GLU E 139 15.02 13.08 -11.36
CA GLU E 139 15.46 14.43 -11.00
C GLU E 139 14.24 15.27 -10.69
N ILE E 140 14.48 16.42 -10.07
CA ILE E 140 13.40 17.22 -9.54
C ILE E 140 12.78 18.10 -10.63
N TYR E 141 11.46 17.99 -10.75
CA TYR E 141 10.68 18.81 -11.67
C TYR E 141 10.62 20.23 -11.12
N GLN E 142 11.36 21.14 -11.74
CA GLN E 142 11.55 22.46 -11.15
C GLN E 142 10.37 23.38 -11.40
N ALA E 143 10.15 23.79 -12.66
CA ALA E 143 9.02 24.63 -13.12
C ALA E 143 9.07 25.99 -12.42
N GLY E 144 10.23 26.49 -12.01
CA GLY E 144 10.30 27.76 -11.32
C GLY E 144 11.49 28.60 -11.70
N ASN E 145 11.54 29.82 -11.15
CA ASN E 145 12.72 30.66 -11.30
C ASN E 145 13.88 30.15 -10.47
N LYS E 146 13.60 29.34 -9.46
CA LYS E 146 14.64 28.90 -8.54
C LYS E 146 15.31 27.64 -9.06
N PRO E 147 16.62 27.65 -9.31
CA PRO E 147 17.35 26.39 -9.40
C PRO E 147 17.66 25.90 -8.00
N CYS E 148 16.98 24.83 -7.59
CA CYS E 148 17.09 24.39 -6.20
C CYS E 148 18.20 23.36 -6.02
N ASN E 149 18.95 23.08 -7.09
CA ASN E 149 20.24 22.38 -7.13
C ASN E 149 20.13 20.95 -6.61
N GLY E 150 18.97 20.30 -6.71
CA GLY E 150 18.88 18.90 -6.42
C GLY E 150 18.38 18.53 -5.04
N VAL E 151 17.97 19.50 -4.22
CA VAL E 151 17.37 19.23 -2.92
C VAL E 151 15.91 19.64 -2.99
N ALA E 152 15.04 18.81 -2.40
CA ALA E 152 13.61 19.06 -2.46
C ALA E 152 13.23 20.21 -1.55
N GLY E 153 12.12 20.86 -1.88
CA GLY E 153 11.65 21.99 -1.11
C GLY E 153 10.40 22.57 -1.72
N PHE E 154 10.17 23.85 -1.43
CA PHE E 154 9.08 24.58 -2.06
C PHE E 154 9.35 24.73 -3.54
N ASN E 155 8.34 24.45 -4.36
CA ASN E 155 8.35 24.47 -5.83
C ASN E 155 9.42 23.55 -6.41
N CYS E 156 9.80 22.50 -5.68
CA CYS E 156 10.80 21.53 -6.13
C CYS E 156 10.41 20.18 -5.56
N TYR E 157 9.86 19.32 -6.41
CA TYR E 157 9.22 18.08 -5.97
C TYR E 157 9.93 16.88 -6.57
N PHE E 158 10.23 15.90 -5.73
CA PHE E 158 10.73 14.61 -6.19
C PHE E 158 9.60 13.83 -6.86
N PRO E 159 9.88 13.13 -7.95
CA PRO E 159 8.77 12.51 -8.69
C PRO E 159 8.36 11.14 -8.16
N LEU E 160 9.21 10.48 -7.40
CA LEU E 160 8.93 9.12 -6.95
C LEU E 160 8.51 9.13 -5.49
N ARG E 161 7.22 8.93 -5.23
CA ARG E 161 6.77 8.64 -3.87
C ARG E 161 6.84 7.14 -3.62
N SER E 162 6.81 6.78 -2.34
CA SER E 162 7.04 5.41 -1.93
C SER E 162 5.80 4.85 -1.23
N TYR E 163 5.57 3.55 -1.41
CA TYR E 163 4.50 2.89 -0.70
C TYR E 163 4.89 2.65 0.77
N GLY E 164 3.90 2.29 1.57
CA GLY E 164 4.19 1.85 2.92
C GLY E 164 4.27 0.35 3.02
N PHE E 165 3.23 -0.33 2.56
CA PHE E 165 3.10 -1.79 2.47
C PHE E 165 3.31 -2.46 3.83
N ARG E 166 2.42 -2.16 4.72
CA ARG E 166 2.26 -2.84 5.99
C ARG E 166 1.31 -4.02 5.82
N PRO E 167 1.28 -5.03 6.69
CA PRO E 167 0.31 -6.11 6.53
C PRO E 167 -1.04 -5.84 7.17
N THR E 168 -1.33 -4.60 7.54
CA THR E 168 -2.61 -4.26 8.16
C THR E 168 -3.35 -3.13 7.43
N TYR E 169 -2.99 -2.84 6.18
CA TYR E 169 -3.64 -1.74 5.48
C TYR E 169 -5.04 -2.09 5.01
N GLY E 170 -5.16 -3.09 4.16
CA GLY E 170 -6.40 -3.38 3.49
C GLY E 170 -6.19 -4.40 2.40
N VAL E 171 -7.26 -5.13 2.07
CA VAL E 171 -7.18 -6.18 1.05
C VAL E 171 -7.00 -5.57 -0.33
N GLY E 172 -7.37 -4.31 -0.49
CA GLY E 172 -7.11 -3.63 -1.75
C GLY E 172 -5.85 -2.76 -1.71
N HIS E 173 -5.28 -2.65 -0.52
CA HIS E 173 -4.07 -1.85 -0.38
C HIS E 173 -2.82 -2.66 -0.08
N GLN E 174 -2.92 -3.98 0.08
CA GLN E 174 -1.70 -4.74 0.23
C GLN E 174 -1.18 -5.11 -1.16
N PRO E 175 0.14 -5.21 -1.35
CA PRO E 175 0.70 -5.20 -2.71
C PRO E 175 0.39 -6.47 -3.49
N TYR E 176 0.00 -6.27 -4.75
CA TYR E 176 -0.34 -7.36 -5.66
C TYR E 176 0.73 -7.42 -6.73
N ARG E 177 1.47 -8.52 -6.77
CA ARG E 177 2.42 -8.71 -7.85
C ARG E 177 1.66 -9.01 -9.15
N VAL E 178 2.01 -8.29 -10.21
CA VAL E 178 1.26 -8.35 -11.45
C VAL E 178 2.23 -8.65 -12.58
N VAL E 179 1.95 -9.68 -13.35
CA VAL E 179 2.77 -10.07 -14.50
C VAL E 179 1.92 -9.92 -15.74
N VAL E 180 2.41 -9.17 -16.72
CA VAL E 180 1.68 -8.89 -17.95
C VAL E 180 2.37 -9.63 -19.09
N LEU E 181 1.74 -10.67 -19.60
CA LEU E 181 2.19 -11.31 -20.81
C LEU E 181 1.61 -10.54 -22.00
N SER E 182 2.44 -10.29 -23.01
CA SER E 182 2.02 -9.57 -24.19
C SER E 182 2.55 -10.29 -25.42
N PHE E 183 1.69 -11.02 -26.11
CA PHE E 183 2.07 -11.83 -27.25
C PHE E 183 2.19 -10.96 -28.51
N GLU E 184 2.82 -11.51 -29.55
CA GLU E 184 2.92 -10.84 -30.83
C GLU E 184 3.17 -11.87 -31.93
N LEU E 185 2.81 -11.50 -33.16
CA LEU E 185 2.91 -12.36 -34.33
C LEU E 185 3.48 -11.61 -35.53
N LEU E 186 4.60 -10.93 -35.36
CA LEU E 186 5.15 -10.14 -36.46
C LEU E 186 5.96 -11.04 -37.40
N HIS E 187 5.38 -11.33 -38.57
CA HIS E 187 6.03 -11.59 -39.87
C HIS E 187 7.32 -12.43 -39.78
N ALA E 188 7.22 -13.55 -39.09
CA ALA E 188 8.37 -14.41 -38.86
C ALA E 188 7.85 -15.83 -38.58
N PRO E 189 8.64 -16.87 -38.88
CA PRO E 189 8.19 -18.22 -38.53
C PRO E 189 8.13 -18.41 -37.01
N ALA E 190 7.09 -19.10 -36.58
CA ALA E 190 6.77 -19.18 -35.17
C ALA E 190 7.70 -20.15 -34.44
N THR E 191 8.04 -19.80 -33.20
CA THR E 191 8.81 -20.66 -32.32
C THR E 191 8.07 -21.07 -31.05
N VAL E 192 7.20 -20.21 -30.53
CA VAL E 192 6.57 -20.40 -29.22
C VAL E 192 5.27 -21.16 -29.45
N CYS E 193 5.17 -22.36 -28.89
CA CYS E 193 4.05 -23.25 -29.12
C CYS E 193 4.06 -24.34 -28.07
N GLY E 194 3.27 -25.39 -28.31
CA GLY E 194 3.32 -26.59 -27.49
C GLY E 194 2.40 -26.63 -26.31
N ASP F 1 14.86 -27.13 -9.87
CA ASP F 1 15.15 -25.85 -9.21
C ASP F 1 16.48 -25.28 -9.70
N ILE F 2 17.19 -24.62 -8.80
CA ILE F 2 18.54 -24.17 -9.10
C ILE F 2 19.53 -25.09 -8.42
N VAL F 3 20.03 -26.10 -9.15
CA VAL F 3 21.02 -26.98 -8.55
C VAL F 3 22.38 -26.31 -8.62
N LEU F 4 23.05 -26.24 -7.47
CA LEU F 4 24.32 -25.52 -7.34
C LEU F 4 25.40 -26.54 -7.02
N THR F 5 26.28 -26.77 -7.99
CA THR F 5 27.40 -27.69 -7.79
C THR F 5 28.59 -26.91 -7.26
N GLN F 6 29.34 -27.52 -6.35
CA GLN F 6 30.63 -27.01 -5.90
C GLN F 6 31.69 -28.01 -6.29
N SER F 7 32.83 -27.53 -6.78
CA SER F 7 33.93 -28.38 -7.20
C SER F 7 35.25 -27.68 -6.89
N PRO F 8 36.27 -28.41 -6.42
CA PRO F 8 36.31 -29.84 -6.11
C PRO F 8 35.67 -30.17 -4.76
N ALA F 9 35.40 -31.45 -4.53
CA ALA F 9 34.70 -31.87 -3.32
C ALA F 9 35.60 -31.82 -2.09
N THR F 10 36.89 -32.11 -2.24
CA THR F 10 37.82 -32.06 -1.12
C THR F 10 38.96 -31.11 -1.47
N LEU F 11 39.59 -30.57 -0.43
CA LEU F 11 40.80 -29.76 -0.58
C LEU F 11 41.86 -30.23 0.39
N SER F 12 43.11 -29.98 0.02
CA SER F 12 44.28 -30.29 0.84
C SER F 12 45.19 -29.06 0.81
N VAL F 13 45.06 -28.20 1.82
CA VAL F 13 45.80 -26.95 1.85
C VAL F 13 46.66 -26.90 3.11
N THR F 14 47.59 -25.92 3.14
CA THR F 14 48.47 -25.60 4.25
C THR F 14 48.21 -24.19 4.74
N PRO F 15 48.45 -23.90 6.02
CA PRO F 15 48.21 -22.54 6.53
C PRO F 15 49.16 -21.51 5.94
N GLY F 16 48.64 -20.29 5.79
CA GLY F 16 49.43 -19.19 5.26
C GLY F 16 49.41 -19.07 3.76
N ASP F 17 48.37 -19.57 3.10
CA ASP F 17 48.26 -19.57 1.65
C ASP F 17 46.96 -18.91 1.21
N ASN F 18 46.70 -19.00 -0.09
CA ASN F 18 45.43 -18.61 -0.69
C ASN F 18 44.82 -19.83 -1.35
N VAL F 19 43.50 -19.93 -1.32
CA VAL F 19 42.78 -20.99 -2.02
C VAL F 19 41.43 -20.43 -2.45
N SER F 20 40.87 -20.98 -3.53
CA SER F 20 39.63 -20.48 -4.09
C SER F 20 38.70 -21.62 -4.43
N LEU F 21 37.41 -21.41 -4.17
CA LEU F 21 36.35 -22.38 -4.35
C LEU F 21 35.55 -22.06 -5.61
N SER F 22 34.47 -22.80 -5.83
CA SER F 22 33.61 -22.54 -6.98
C SER F 22 32.20 -23.00 -6.64
N CYS F 23 31.21 -22.25 -7.10
CA CYS F 23 29.80 -22.59 -6.92
C CYS F 23 29.10 -22.18 -8.21
N ARG F 24 29.00 -23.11 -9.15
CA ARG F 24 28.46 -22.82 -10.46
C ARG F 24 26.95 -23.06 -10.47
N ALA F 25 26.22 -22.08 -10.96
CA ALA F 25 24.77 -22.08 -10.92
C ALA F 25 24.21 -22.89 -12.08
N SER F 26 22.89 -22.81 -12.26
CA SER F 26 22.22 -23.38 -13.41
C SER F 26 21.51 -22.32 -14.25
N GLN F 27 20.76 -21.43 -13.62
CA GLN F 27 20.24 -20.24 -14.26
C GLN F 27 21.00 -19.02 -13.77
N ILE F 28 20.80 -17.90 -14.45
CA ILE F 28 21.53 -16.69 -14.11
C ILE F 28 20.96 -16.12 -12.83
N ILE F 29 21.81 -15.98 -11.81
CA ILE F 29 21.41 -15.47 -10.50
C ILE F 29 22.35 -14.31 -10.17
N SER F 30 21.92 -13.10 -10.51
CA SER F 30 22.79 -11.94 -10.41
C SER F 30 22.86 -11.46 -8.96
N ASN F 31 24.06 -11.57 -8.37
CA ASN F 31 24.47 -11.14 -7.02
C ASN F 31 23.48 -11.46 -5.90
N ASN F 32 22.77 -12.58 -5.99
CA ASN F 32 21.84 -13.01 -4.95
C ASN F 32 22.27 -14.32 -4.31
N LEU F 33 23.58 -14.58 -4.27
CA LEU F 33 24.12 -15.81 -3.73
C LEU F 33 24.98 -15.49 -2.51
N HIS F 34 24.89 -16.35 -1.49
CA HIS F 34 25.57 -16.13 -0.23
C HIS F 34 26.51 -17.29 0.05
N TRP F 35 27.42 -17.10 1.00
CA TRP F 35 28.38 -18.13 1.37
C TRP F 35 28.32 -18.40 2.86
N TYR F 36 28.36 -19.67 3.24
CA TYR F 36 28.21 -20.10 4.63
C TYR F 36 29.37 -20.99 5.06
N GLN F 37 29.72 -20.89 6.34
CA GLN F 37 30.80 -21.67 6.93
C GLN F 37 30.30 -22.51 8.08
N GLN F 38 30.56 -23.82 8.03
CA GLN F 38 30.10 -24.73 9.07
C GLN F 38 31.26 -25.61 9.52
N LYS F 39 31.54 -25.60 10.82
CA LYS F 39 32.55 -26.46 11.41
C LYS F 39 31.89 -27.75 11.89
N SER F 40 32.61 -28.54 12.69
CA SER F 40 32.11 -29.81 13.20
C SER F 40 30.98 -29.57 14.21
N HIS F 41 29.76 -29.88 13.78
CA HIS F 41 28.56 -29.94 14.65
C HIS F 41 28.26 -28.59 15.30
N GLU F 42 28.14 -27.55 14.48
CA GLU F 42 27.83 -26.21 14.96
C GLU F 42 26.80 -25.60 14.04
N SER F 43 26.36 -24.45 14.38
CA SER F 43 25.51 -23.71 13.45
C SER F 43 26.37 -23.01 12.41
N PRO F 44 25.91 -22.96 11.16
CA PRO F 44 26.63 -22.16 10.16
C PRO F 44 26.51 -20.68 10.44
N ARG F 45 27.56 -19.95 10.10
CA ARG F 45 27.57 -18.51 10.21
C ARG F 45 27.51 -17.90 8.82
N LEU F 46 27.25 -16.61 8.77
CA LEU F 46 27.19 -15.89 7.49
C LEU F 46 28.53 -15.23 7.23
N LEU F 47 29.09 -15.50 6.04
CA LEU F 47 30.41 -15.02 5.67
C LEU F 47 30.34 -13.76 4.82
N ILE F 48 29.70 -13.82 3.67
CA ILE F 48 29.54 -12.68 2.78
C ILE F 48 28.11 -12.64 2.25
N LYS F 49 27.46 -11.50 2.39
CA LYS F 49 26.13 -11.30 1.83
C LYS F 49 26.25 -10.80 0.41
N TYR F 50 25.33 -11.29 -0.45
CA TYR F 50 25.08 -10.76 -1.79
C TYR F 50 26.30 -10.84 -2.71
N ALA F 51 27.13 -11.86 -2.47
CA ALA F 51 28.25 -12.35 -3.30
C ALA F 51 29.45 -11.42 -3.31
N SER F 52 29.37 -10.23 -2.73
CA SER F 52 30.57 -9.40 -2.61
C SER F 52 30.76 -8.73 -1.26
N GLN F 53 29.70 -8.38 -0.52
CA GLN F 53 29.84 -7.58 0.68
C GLN F 53 30.08 -8.45 1.90
N SER F 54 30.98 -8.00 2.76
CA SER F 54 31.38 -8.75 3.93
C SER F 54 30.53 -8.37 5.14
N ILE F 55 30.61 -9.20 6.17
CA ILE F 55 29.76 -9.08 7.35
C ILE F 55 30.61 -8.67 8.54
N SER F 56 30.09 -7.73 9.33
CA SER F 56 30.70 -7.36 10.59
C SER F 56 30.75 -8.55 11.55
N GLY F 57 31.93 -8.77 12.12
CA GLY F 57 32.11 -9.86 13.06
C GLY F 57 33.17 -10.86 12.63
N ILE F 58 33.24 -11.14 11.34
CA ILE F 58 34.19 -12.11 10.81
C ILE F 58 35.53 -11.39 10.60
N PRO F 59 36.65 -12.10 10.50
CA PRO F 59 37.89 -11.46 10.07
C PRO F 59 37.79 -10.95 8.64
N SER F 60 38.67 -9.99 8.33
CA SER F 60 38.58 -9.25 7.07
C SER F 60 39.33 -9.91 5.92
N ARG F 61 39.51 -11.23 5.95
CA ARG F 61 40.21 -11.88 4.85
C ARG F 61 39.28 -12.62 3.90
N PHE F 62 38.07 -12.96 4.34
CA PHE F 62 37.11 -13.64 3.46
C PHE F 62 36.44 -12.63 2.53
N SER F 63 36.58 -12.84 1.22
CA SER F 63 35.94 -11.98 0.23
C SER F 63 35.88 -12.71 -1.10
N GLY F 64 34.66 -13.02 -1.56
CA GLY F 64 34.45 -13.72 -2.81
C GLY F 64 34.06 -12.76 -3.91
N SER F 65 34.15 -13.21 -5.15
CA SER F 65 33.89 -12.35 -6.30
C SER F 65 33.07 -13.11 -7.33
N GLY F 66 32.88 -12.47 -8.47
CA GLY F 66 32.16 -13.07 -9.59
C GLY F 66 30.67 -12.84 -9.50
N SER F 67 30.03 -12.79 -10.67
CA SER F 67 28.58 -12.69 -10.76
C SER F 67 28.15 -13.32 -12.06
N GLY F 68 26.86 -13.63 -12.17
CA GLY F 68 26.35 -14.34 -13.32
C GLY F 68 25.92 -15.74 -12.96
N THR F 69 26.68 -16.74 -13.40
CA THR F 69 26.45 -18.12 -12.98
C THR F 69 27.66 -18.77 -12.34
N ASP F 70 28.85 -18.19 -12.47
CA ASP F 70 30.07 -18.74 -11.90
C ASP F 70 30.55 -17.85 -10.77
N PHE F 71 30.69 -18.44 -9.58
CA PHE F 71 31.06 -17.69 -8.39
C PHE F 71 32.21 -18.39 -7.69
N THR F 72 33.24 -17.63 -7.32
CA THR F 72 34.39 -18.14 -6.59
C THR F 72 34.50 -17.41 -5.26
N LEU F 73 34.84 -18.15 -4.21
CA LEU F 73 35.08 -17.57 -2.89
C LEU F 73 36.58 -17.58 -2.65
N SER F 74 37.17 -16.41 -2.45
CA SER F 74 38.61 -16.26 -2.35
C SER F 74 38.99 -15.92 -0.92
N ILE F 75 39.69 -16.84 -0.26
CA ILE F 75 40.27 -16.62 1.06
C ILE F 75 41.78 -16.50 0.92
N ASN F 76 42.33 -15.43 1.45
CA ASN F 76 43.77 -15.24 1.50
C ASN F 76 44.28 -15.29 2.93
N SER F 77 45.54 -15.72 3.07
CA SER F 77 46.23 -15.94 4.36
C SER F 77 45.42 -16.87 5.27
N VAL F 78 45.21 -18.09 4.78
CA VAL F 78 44.36 -19.05 5.47
C VAL F 78 45.03 -19.49 6.78
N GLU F 79 44.24 -19.61 7.83
CA GLU F 79 44.72 -20.02 9.14
C GLU F 79 44.26 -21.44 9.41
N THR F 80 44.66 -22.00 10.56
CA THR F 80 44.29 -23.37 10.87
C THR F 80 42.88 -23.45 11.46
N GLU F 81 42.34 -22.32 11.94
CA GLU F 81 41.00 -22.34 12.52
C GLU F 81 39.92 -22.14 11.47
N ASP F 82 40.26 -22.11 10.18
CA ASP F 82 39.29 -22.03 9.10
C ASP F 82 38.89 -23.42 8.61
N PHE F 83 39.13 -24.45 9.41
CA PHE F 83 38.70 -25.80 9.10
C PHE F 83 37.19 -25.91 9.19
N GLY F 84 36.60 -26.58 8.21
CA GLY F 84 35.16 -26.81 8.23
C GLY F 84 34.67 -27.22 6.86
N MET F 85 33.39 -26.95 6.62
CA MET F 85 32.74 -27.20 5.33
C MET F 85 32.01 -25.94 4.92
N TYR F 86 32.12 -25.57 3.65
CA TYR F 86 31.66 -24.29 3.16
C TYR F 86 30.44 -24.46 2.24
N PHE F 87 29.39 -23.69 2.51
CA PHE F 87 28.11 -23.81 1.85
C PHE F 87 27.80 -22.56 1.05
N CYS F 88 27.39 -22.76 -0.21
CA CYS F 88 26.83 -21.68 -1.03
C CYS F 88 25.34 -21.91 -1.16
N GLN F 89 24.56 -20.84 -1.09
CA GLN F 89 23.10 -20.94 -1.02
C GLN F 89 22.48 -19.77 -1.77
N GLN F 90 21.77 -20.05 -2.85
CA GLN F 90 21.21 -18.97 -3.67
C GLN F 90 19.95 -18.40 -3.01
N SER F 91 19.43 -17.33 -3.62
CA SER F 91 18.22 -16.72 -3.11
C SER F 91 17.30 -16.19 -4.20
N ASN F 92 17.58 -16.42 -5.48
CA ASN F 92 16.90 -15.66 -6.52
C ASN F 92 15.53 -16.23 -6.84
N THR F 93 15.46 -17.45 -7.34
CA THR F 93 14.16 -18.03 -7.62
C THR F 93 13.77 -18.90 -6.45
N TRP F 94 12.54 -19.41 -6.49
CA TRP F 94 12.05 -20.17 -5.36
C TRP F 94 11.96 -21.65 -5.71
N PRO F 95 12.12 -22.55 -4.72
CA PRO F 95 12.52 -22.33 -3.35
C PRO F 95 14.01 -22.12 -3.22
N LEU F 96 14.44 -21.57 -2.10
CA LEU F 96 15.86 -21.40 -1.84
C LEU F 96 16.50 -22.76 -1.65
N THR F 97 17.72 -22.91 -2.13
CA THR F 97 18.39 -24.19 -2.01
C THR F 97 19.90 -23.99 -1.93
N CYS F 98 20.52 -24.81 -1.08
CA CYS F 98 21.93 -24.69 -0.77
C CYS F 98 22.73 -25.67 -1.61
N GLY F 99 24.04 -25.41 -1.70
CA GLY F 99 24.91 -26.26 -2.47
C GLY F 99 25.22 -27.55 -1.75
N SER F 100 25.95 -28.43 -2.45
CA SER F 100 26.34 -29.71 -1.87
C SER F 100 27.43 -29.58 -0.83
N GLY F 101 28.19 -28.49 -0.84
CA GLY F 101 29.17 -28.24 0.19
C GLY F 101 30.49 -28.96 -0.01
N THR F 102 31.59 -28.22 0.07
CA THR F 102 32.92 -28.78 0.01
C THR F 102 33.66 -28.40 1.29
N LYS F 103 34.63 -29.21 1.69
CA LYS F 103 35.28 -29.02 2.97
C LYS F 103 36.73 -28.60 2.80
N LEU F 104 37.23 -27.88 3.81
CA LEU F 104 38.53 -27.23 3.76
C LEU F 104 39.35 -27.72 4.95
N GLU F 105 40.18 -28.74 4.73
CA GLU F 105 40.98 -29.33 5.79
C GLU F 105 42.45 -28.96 5.61
N LEU F 106 43.29 -29.50 6.48
CA LEU F 106 44.65 -29.00 6.65
C LEU F 106 45.65 -30.11 6.37
N ASN F 107 46.79 -29.73 5.77
CA ASN F 107 47.88 -30.66 5.51
C ASN F 107 48.70 -30.91 6.78
N GLN G 1 21.97 -8.92 22.49
CA GLN G 1 21.81 -10.35 22.71
C GLN G 1 20.69 -10.92 21.85
N ILE G 2 21.05 -11.59 20.75
CA ILE G 2 20.09 -12.16 19.83
C ILE G 2 20.49 -13.59 19.53
N GLN G 3 19.64 -14.54 19.92
CA GLN G 3 19.90 -15.95 19.72
C GLN G 3 18.57 -16.68 19.61
N LEU G 4 18.62 -17.88 19.04
CA LEU G 4 17.43 -18.71 18.88
C LEU G 4 17.76 -20.11 19.40
N VAL G 5 17.63 -20.33 20.69
CA VAL G 5 17.99 -21.62 21.26
C VAL G 5 16.75 -22.51 21.28
N GLN G 6 16.89 -23.71 20.73
CA GLN G 6 15.76 -24.60 20.55
C GLN G 6 15.60 -25.56 21.72
N SER G 7 14.73 -26.54 21.55
CA SER G 7 14.59 -27.63 22.49
C SER G 7 15.76 -28.60 22.35
N GLY G 8 15.82 -29.58 23.26
CA GLY G 8 16.89 -30.53 23.25
C GLY G 8 16.64 -31.65 22.26
N PRO G 9 17.45 -32.70 22.32
CA PRO G 9 17.23 -33.85 21.44
C PRO G 9 15.98 -34.61 21.81
N GLU G 10 15.35 -35.20 20.79
CA GLU G 10 14.19 -36.04 20.97
C GLU G 10 14.51 -37.45 20.45
N LEU G 11 13.61 -38.37 20.74
CA LEU G 11 13.77 -39.77 20.36
C LEU G 11 12.39 -40.39 20.25
N LYS G 12 11.93 -40.61 19.02
CA LYS G 12 10.61 -41.15 18.76
C LYS G 12 10.71 -42.37 17.85
N LYS G 13 9.69 -43.21 17.91
CA LYS G 13 9.39 -44.48 17.26
C LYS G 13 8.64 -44.26 15.96
N PRO G 14 8.79 -45.15 14.94
CA PRO G 14 8.18 -44.88 13.62
C PRO G 14 6.67 -44.92 13.65
N GLY G 15 6.05 -43.76 13.48
CA GLY G 15 4.62 -43.59 13.59
C GLY G 15 4.20 -42.53 14.57
N GLU G 16 5.01 -42.27 15.60
CA GLU G 16 4.69 -41.23 16.56
C GLU G 16 5.11 -39.86 16.03
N THR G 17 4.38 -38.85 16.44
CA THR G 17 4.66 -37.48 16.02
C THR G 17 5.74 -36.87 16.91
N VAL G 18 6.22 -35.69 16.52
CA VAL G 18 7.21 -34.96 17.28
C VAL G 18 6.88 -33.48 17.17
N LYS G 19 7.35 -32.69 18.13
CA LYS G 19 7.11 -31.26 18.15
C LYS G 19 8.39 -30.56 18.57
N ILE G 20 8.87 -29.66 17.72
CA ILE G 20 10.16 -29.01 17.88
C ILE G 20 9.92 -27.51 18.08
N SER G 21 10.46 -26.97 19.16
CA SER G 21 10.33 -25.54 19.45
C SER G 21 11.51 -24.77 18.90
N CYS G 22 11.30 -23.47 18.69
CA CYS G 22 12.37 -22.55 18.27
C CYS G 22 12.01 -21.18 18.84
N LYS G 23 12.60 -20.84 19.98
CA LYS G 23 12.23 -19.64 20.72
C LYS G 23 13.14 -18.49 20.33
N ALA G 24 12.54 -17.34 20.00
CA ALA G 24 13.28 -16.16 19.64
C ALA G 24 13.28 -15.16 20.79
N SER G 25 14.39 -14.41 20.90
CA SER G 25 14.55 -13.44 21.98
C SER G 25 15.62 -12.45 21.58
N GLY G 26 15.32 -11.17 21.70
CA GLY G 26 16.30 -10.12 21.47
C GLY G 26 15.97 -9.21 20.32
N TYR G 27 15.49 -9.77 19.21
CA TYR G 27 15.07 -8.98 18.07
C TYR G 27 13.55 -8.88 18.06
N THR G 28 13.03 -7.82 17.45
CA THR G 28 11.60 -7.63 17.28
C THR G 28 11.10 -8.68 16.31
N PHE G 29 10.13 -9.49 16.76
CA PHE G 29 9.81 -10.75 16.07
C PHE G 29 9.10 -10.51 14.75
N THR G 30 8.44 -9.36 14.59
CA THR G 30 7.65 -9.15 13.39
C THR G 30 8.53 -8.60 12.27
N ASP G 31 9.75 -8.18 12.60
CA ASP G 31 10.60 -7.48 11.65
C ASP G 31 11.28 -8.44 10.68
N TYR G 32 11.28 -9.73 10.99
CA TYR G 32 11.97 -10.71 10.16
C TYR G 32 11.08 -11.94 10.01
N GLY G 33 11.51 -12.87 9.15
CA GLY G 33 10.85 -14.15 9.01
C GLY G 33 11.50 -15.21 9.87
N LEU G 34 11.14 -16.46 9.58
CA LEU G 34 11.75 -17.63 10.21
C LEU G 34 11.83 -18.75 9.18
N ASN G 35 13.05 -19.20 8.91
CA ASN G 35 13.24 -20.29 7.97
C ASN G 35 13.73 -21.53 8.71
N TRP G 36 13.20 -22.68 8.34
CA TRP G 36 13.65 -23.96 8.86
C TRP G 36 14.48 -24.67 7.80
N VAL G 37 15.55 -25.34 8.22
CA VAL G 37 16.38 -26.14 7.32
C VAL G 37 16.65 -27.47 7.98
N LYS G 38 16.72 -28.52 7.17
CA LYS G 38 16.98 -29.88 7.63
C LYS G 38 18.25 -30.39 6.98
N GLN G 39 19.13 -30.99 7.78
CA GLN G 39 20.43 -31.45 7.31
C GLN G 39 20.63 -32.89 7.73
N ALA G 40 20.35 -33.82 6.81
CA ALA G 40 20.69 -35.21 7.00
C ALA G 40 22.21 -35.36 7.08
N PRO G 41 22.71 -36.28 7.90
CA PRO G 41 24.17 -36.36 8.13
C PRO G 41 24.91 -36.83 6.89
N GLY G 42 25.98 -36.12 6.55
CA GLY G 42 26.74 -36.41 5.35
C GLY G 42 26.17 -35.84 4.07
N LYS G 43 25.16 -34.98 4.17
CA LYS G 43 24.54 -34.37 3.01
C LYS G 43 24.52 -32.86 3.18
N GLY G 44 23.94 -32.17 2.19
CA GLY G 44 23.83 -30.73 2.24
C GLY G 44 22.53 -30.29 2.87
N LEU G 45 22.43 -28.99 3.13
CA LEU G 45 21.23 -28.42 3.72
C LEU G 45 20.09 -28.45 2.71
N LYS G 46 18.86 -28.47 3.25
CA LYS G 46 17.65 -28.45 2.44
C LYS G 46 16.67 -27.50 3.10
N TRP G 47 16.13 -26.57 2.34
CA TRP G 47 15.25 -25.56 2.90
C TRP G 47 13.86 -26.15 3.12
N MET G 48 13.33 -26.01 4.33
CA MET G 48 12.02 -26.58 4.66
C MET G 48 10.88 -25.61 4.41
N GLY G 49 11.17 -24.36 4.10
CA GLY G 49 10.11 -23.41 3.85
C GLY G 49 9.85 -22.52 5.04
N TRP G 50 9.58 -21.26 4.79
CA TRP G 50 9.59 -20.25 5.83
C TRP G 50 8.21 -20.12 6.47
N ILE G 51 8.10 -19.13 7.36
CA ILE G 51 6.85 -18.79 8.03
C ILE G 51 6.82 -17.30 8.29
N ASN G 52 5.80 -16.62 7.77
CA ASN G 52 5.65 -15.20 8.00
C ASN G 52 5.24 -14.95 9.45
N THR G 53 6.12 -14.30 10.20
CA THR G 53 5.95 -14.23 11.65
C THR G 53 4.87 -13.26 12.10
N TYR G 54 4.28 -12.48 11.20
CA TYR G 54 3.19 -11.62 11.61
C TYR G 54 1.87 -12.37 11.63
N SER G 55 1.47 -12.94 10.49
CA SER G 55 0.19 -13.62 10.43
C SER G 55 0.28 -15.04 10.99
N GLY G 56 1.25 -15.81 10.54
CA GLY G 56 1.42 -17.17 10.99
C GLY G 56 1.14 -18.23 9.95
N GLU G 57 1.06 -17.88 8.68
CA GLU G 57 0.80 -18.88 7.66
C GLU G 57 2.13 -19.41 7.14
N PRO G 58 2.24 -20.69 6.83
CA PRO G 58 3.49 -21.24 6.31
C PRO G 58 3.61 -21.00 4.82
N THR G 59 4.73 -21.47 4.27
CA THR G 59 4.95 -21.55 2.83
C THR G 59 5.92 -22.70 2.63
N TYR G 60 5.39 -23.86 2.27
CA TYR G 60 6.18 -25.07 2.27
C TYR G 60 6.98 -25.21 0.98
N ASN G 61 8.19 -25.74 1.13
CA ASN G 61 8.91 -26.30 0.00
C ASN G 61 8.12 -27.47 -0.55
N ASP G 62 8.25 -27.70 -1.86
CA ASP G 62 7.43 -28.73 -2.50
C ASP G 62 7.87 -30.14 -2.15
N GLU G 63 9.08 -30.31 -1.59
CA GLU G 63 9.48 -31.61 -1.08
C GLU G 63 8.68 -31.97 0.16
N PHE G 64 8.60 -31.05 1.12
CA PHE G 64 7.84 -31.26 2.36
C PHE G 64 6.47 -30.61 2.23
N ARG G 65 5.67 -31.12 1.29
CA ARG G 65 4.41 -30.45 0.94
C ARG G 65 3.35 -30.65 2.03
N GLY G 66 2.93 -31.88 2.24
CA GLY G 66 2.14 -32.21 3.39
C GLY G 66 3.04 -32.59 4.55
N ARG G 67 2.44 -33.27 5.53
CA ARG G 67 3.11 -34.03 6.59
C ARG G 67 3.88 -33.17 7.59
N PHE G 68 3.93 -31.85 7.39
CA PHE G 68 4.64 -30.94 8.28
C PHE G 68 3.70 -29.80 8.62
N ALA G 69 4.04 -29.06 9.67
CA ALA G 69 3.19 -27.94 10.08
C ALA G 69 4.02 -26.93 10.83
N PHE G 70 4.18 -25.74 10.25
CA PHE G 70 4.85 -24.63 10.91
C PHE G 70 3.79 -23.80 11.61
N SER G 71 3.33 -24.28 12.76
CA SER G 71 2.41 -23.48 13.55
C SER G 71 3.17 -22.40 14.30
N LEU G 72 2.43 -21.46 14.89
CA LEU G 72 3.05 -20.32 15.53
C LEU G 72 2.12 -19.74 16.58
N GLU G 73 2.64 -19.58 17.79
CA GLU G 73 1.98 -18.76 18.81
C GLU G 73 2.90 -17.58 19.12
N THR G 74 2.29 -16.43 19.41
CA THR G 74 3.04 -15.20 19.59
C THR G 74 2.88 -14.58 20.96
N SER G 75 2.05 -15.17 21.82
CA SER G 75 1.99 -14.73 23.21
C SER G 75 3.31 -15.03 23.91
N THR G 76 3.86 -16.22 23.68
CA THR G 76 5.26 -16.51 23.92
C THR G 76 5.94 -16.53 22.55
N ILE G 77 7.09 -15.87 22.44
CA ILE G 77 7.76 -15.77 21.16
C ILE G 77 8.44 -17.09 20.82
N THR G 78 7.70 -17.98 20.15
CA THR G 78 8.17 -19.33 19.84
C THR G 78 7.56 -19.76 18.52
N ALA G 79 8.38 -20.27 17.62
CA ALA G 79 7.90 -20.99 16.46
C ALA G 79 7.79 -22.47 16.79
N TYR G 80 7.07 -23.20 15.95
CA TYR G 80 6.84 -24.62 16.17
C TYR G 80 6.89 -25.38 14.86
N LEU G 81 7.50 -26.56 14.91
CA LEU G 81 7.51 -27.51 13.81
C LEU G 81 6.92 -28.81 14.32
N LYS G 82 6.07 -29.44 13.53
CA LYS G 82 5.44 -30.70 13.93
C LYS G 82 5.52 -31.68 12.76
N ILE G 83 6.08 -32.86 13.01
CA ILE G 83 6.21 -33.88 11.99
C ILE G 83 5.30 -35.06 12.32
N ASN G 84 4.29 -35.29 11.50
CA ASN G 84 3.38 -36.41 11.66
C ASN G 84 3.92 -37.58 10.84
N ASN G 85 3.72 -38.80 11.37
CA ASN G 85 4.04 -40.07 10.69
C ASN G 85 5.52 -40.14 10.31
N LEU G 86 6.36 -40.19 11.35
CA LEU G 86 7.81 -40.27 11.15
C LEU G 86 8.20 -41.52 10.39
N LYS G 87 9.04 -41.35 9.38
CA LYS G 87 9.62 -42.44 8.62
C LYS G 87 11.07 -42.62 9.04
N ASN G 88 11.77 -43.50 8.32
CA ASN G 88 13.08 -43.95 8.80
C ASN G 88 14.24 -43.21 8.15
N GLU G 89 14.01 -42.10 7.46
CA GLU G 89 15.10 -41.42 6.79
C GLU G 89 15.32 -39.99 7.26
N ASP G 90 14.39 -39.39 8.00
CA ASP G 90 14.43 -37.96 8.26
C ASP G 90 15.07 -37.61 9.60
N THR G 91 16.08 -38.36 10.00
CA THR G 91 16.89 -37.97 11.15
C THR G 91 17.90 -36.92 10.70
N ALA G 92 17.97 -35.80 11.41
CA ALA G 92 18.78 -34.68 10.98
C ALA G 92 19.10 -33.83 12.20
N THR G 93 19.63 -32.64 11.96
CA THR G 93 19.77 -31.63 13.01
C THR G 93 18.96 -30.42 12.54
N TYR G 94 17.67 -30.41 12.88
CA TYR G 94 16.71 -29.47 12.35
C TYR G 94 16.97 -28.08 12.94
N PHE G 95 17.64 -27.23 12.17
CA PHE G 95 17.93 -25.88 12.63
C PHE G 95 16.68 -25.01 12.51
N CYS G 96 16.81 -23.75 12.91
CA CYS G 96 15.83 -22.73 12.54
C CYS G 96 16.58 -21.42 12.39
N ALA G 97 16.50 -20.83 11.22
CA ALA G 97 17.38 -19.70 10.89
C ALA G 97 16.54 -18.50 10.50
N ARG G 98 16.90 -17.35 11.06
CA ARG G 98 16.15 -16.11 10.83
C ARG G 98 16.62 -15.49 9.52
N GLY G 99 15.81 -15.64 8.48
CA GLY G 99 16.04 -14.98 7.22
C GLY G 99 14.97 -13.93 7.00
N GLY G 100 15.40 -12.76 6.53
CA GLY G 100 14.58 -11.58 6.56
C GLY G 100 13.36 -11.63 5.65
N ASN G 101 12.49 -10.65 5.85
CA ASN G 101 11.30 -10.49 5.03
C ASN G 101 11.56 -9.65 3.79
N TRP G 102 12.82 -9.25 3.57
CA TRP G 102 13.20 -8.57 2.34
C TRP G 102 14.52 -9.05 1.78
N ASP G 103 15.38 -9.71 2.57
CA ASP G 103 16.71 -10.11 2.15
C ASP G 103 16.82 -11.59 1.80
N TRP G 104 16.40 -12.47 2.72
CA TRP G 104 16.54 -13.93 2.65
C TRP G 104 18.01 -14.35 2.56
N TYR G 105 18.76 -14.00 3.61
CA TYR G 105 19.99 -14.70 3.95
C TYR G 105 19.92 -15.06 5.43
N PHE G 106 20.49 -16.21 5.79
CA PHE G 106 20.30 -16.78 7.12
C PHE G 106 21.51 -16.44 7.97
N ASP G 107 21.41 -15.36 8.75
CA ASP G 107 22.55 -14.92 9.55
C ASP G 107 22.57 -15.48 10.97
N VAL G 108 21.50 -15.31 11.74
CA VAL G 108 21.46 -15.75 13.13
C VAL G 108 20.73 -17.09 13.20
N TRP G 109 21.48 -18.14 13.50
CA TRP G 109 20.98 -19.51 13.48
C TRP G 109 20.71 -19.99 14.89
N GLY G 110 20.40 -21.28 15.01
CA GLY G 110 20.20 -21.92 16.29
C GLY G 110 21.15 -23.09 16.48
N ALA G 111 21.15 -23.63 17.69
CA ALA G 111 21.98 -24.78 18.00
C ALA G 111 21.53 -26.03 17.24
N GLY G 112 20.24 -26.30 17.20
CA GLY G 112 19.75 -27.42 16.43
C GLY G 112 19.41 -28.64 17.27
N THR G 113 18.22 -29.19 17.07
CA THR G 113 17.78 -30.38 17.77
C THR G 113 17.81 -31.55 16.81
N THR G 114 17.87 -32.76 17.36
CA THR G 114 18.10 -33.97 16.58
C THR G 114 16.99 -34.96 16.87
N VAL G 115 16.25 -35.33 15.83
CA VAL G 115 15.21 -36.34 15.98
C VAL G 115 15.58 -37.63 15.26
N THR G 116 16.25 -38.53 15.97
CA THR G 116 16.58 -39.85 15.44
C THR G 116 15.36 -40.74 15.62
N VAL G 117 15.23 -41.75 14.76
CA VAL G 117 14.14 -42.71 14.87
C VAL G 117 14.73 -44.12 14.99
N SER G 118 14.19 -44.90 15.92
CA SER G 118 14.59 -46.29 16.11
C SER G 118 13.44 -47.02 16.79
N SER G 119 13.71 -48.23 17.27
CA SER G 119 12.71 -49.01 17.99
C SER G 119 13.27 -49.49 19.32
#